data_9ECX
#
_entry.id   9ECX
#
_cell.length_a   87.040
_cell.length_b   60.400
_cell.length_c   92.770
_cell.angle_alpha   90.00
_cell.angle_beta   99.20
_cell.angle_gamma   90.00
#
_symmetry.space_group_name_H-M   'P 1 21 1'
#
loop_
_entity.id
_entity.type
_entity.pdbx_description
1 polymer 'WRAIR-2008 Fab heavy chain'
2 polymer 'WRAIR-2008 Fab light chain'
3 non-polymer GLYCEROL
4 non-polymer 'SULFATE ION'
5 water water
#
loop_
_entity_poly.entity_id
_entity_poly.type
_entity_poly.pdbx_seq_one_letter_code
_entity_poly.pdbx_strand_id
1 'polypeptide(L)'
;QVRVVQSGAEVKNPGASVKVSCKVSGYTLTELSIHWVRQAPGNGLEWMGGFDPEDGETIYAQKFQGRVTMTEDTSTDTAY
MELSSLRSDDTAVYYCATAGAITGTPRNFYYYYGMDVWGQGTTVTVSSASTKGPSVFPLAPSSKSTSGGTAALGCLVKDY
FPEPVTVSWNSGALTSGVHTFPAVLQSSGLYSLSSVVTVPSSSLGTQTYICNVNHKPSNTKVDKKVEPKSC
;
H,C
2 'polypeptide(L)'
;DIVMTQTPLSSPVTLGQPASISCRSSQSLVHSDGNTYLSWLQQRPGQPPRLLIYKISNRFSGVPDRFSGSGAGTDFTLKI
SRVEAEDVGVYYCMQVTQFPYTFGQGTKLEIKRTVAAPSVFIFPPSDEQLKSGTASVVCLLNNFYPREAKVQWKVDNALQ
SGNSQESVTEQDSKDSTYSLSSTLTLSKADYEKHKVYACEVTHQGLSSPVTKSFNRGEC
;
L,D
#
# COMPACT_ATOMS: atom_id res chain seq x y z
N GLN A 1 0.28 -2.43 -36.90
CA GLN A 1 0.18 -3.66 -36.11
C GLN A 1 -1.22 -3.80 -35.50
N VAL A 2 -1.79 -5.01 -35.55
CA VAL A 2 -3.12 -5.27 -34.97
C VAL A 2 -2.88 -5.62 -33.50
N ARG A 3 -3.29 -4.74 -32.60
CA ARG A 3 -3.04 -5.00 -31.20
C ARG A 3 -4.31 -4.86 -30.39
N VAL A 4 -4.66 -5.90 -29.63
CA VAL A 4 -5.85 -5.88 -28.79
C VAL A 4 -5.36 -5.78 -27.37
N VAL A 5 -5.83 -4.78 -26.64
CA VAL A 5 -5.43 -4.55 -25.26
C VAL A 5 -6.67 -4.53 -24.39
N GLN A 6 -6.59 -5.09 -23.18
CA GLN A 6 -7.74 -5.15 -22.29
C GLN A 6 -7.47 -4.49 -20.94
N SER A 7 -8.55 -4.19 -20.23
CA SER A 7 -8.46 -3.57 -18.92
C SER A 7 -7.64 -4.44 -17.97
N GLY A 8 -7.17 -3.83 -16.89
CA GLY A 8 -6.44 -4.57 -15.91
C GLY A 8 -7.39 -5.45 -15.10
N ALA A 9 -6.82 -6.38 -14.35
CA ALA A 9 -7.67 -7.26 -13.56
C ALA A 9 -8.46 -6.44 -12.54
N GLU A 10 -9.68 -6.88 -12.26
CA GLU A 10 -10.59 -6.19 -11.36
C GLU A 10 -11.25 -7.15 -10.36
N VAL A 11 -11.61 -6.59 -9.22
CA VAL A 11 -12.30 -7.33 -8.17
C VAL A 11 -13.56 -6.55 -7.84
N LYS A 12 -14.70 -7.22 -7.90
CA LYS A 12 -15.99 -6.61 -7.65
C LYS A 12 -16.76 -7.37 -6.59
N ASN A 13 -17.59 -6.65 -5.87
CA ASN A 13 -18.43 -7.19 -4.83
C ASN A 13 -19.64 -7.93 -5.41
N PRO A 14 -20.13 -8.95 -4.73
CA PRO A 14 -21.32 -9.66 -5.24
C PRO A 14 -22.48 -8.69 -5.37
N GLY A 15 -23.21 -8.82 -6.48
CA GLY A 15 -24.33 -7.95 -6.78
C GLY A 15 -23.96 -6.66 -7.47
N ALA A 16 -22.67 -6.41 -7.63
CA ALA A 16 -22.16 -5.23 -8.28
C ALA A 16 -21.99 -5.53 -9.77
N SER A 17 -21.52 -4.55 -10.49
CA SER A 17 -21.33 -4.66 -11.92
C SER A 17 -19.83 -4.62 -12.21
N VAL A 18 -19.46 -5.16 -13.38
CA VAL A 18 -18.07 -5.13 -13.82
C VAL A 18 -18.04 -4.67 -15.27
N LYS A 19 -17.05 -3.82 -15.56
CA LYS A 19 -16.84 -3.24 -16.89
C LYS A 19 -15.42 -3.53 -17.36
N VAL A 20 -15.28 -4.05 -18.57
CA VAL A 20 -13.96 -4.33 -19.13
C VAL A 20 -13.90 -3.74 -20.54
N SER A 21 -12.72 -3.24 -20.89
CA SER A 21 -12.47 -2.57 -22.14
C SER A 21 -11.58 -3.37 -23.05
N CYS A 22 -11.87 -3.27 -24.34
CA CYS A 22 -11.16 -3.92 -25.41
C CYS A 22 -10.76 -2.78 -26.35
N LYS A 23 -9.48 -2.45 -26.43
CA LYS A 23 -9.03 -1.37 -27.30
C LYS A 23 -8.29 -2.01 -28.45
N VAL A 24 -8.62 -1.57 -29.66
CA VAL A 24 -8.06 -2.08 -30.91
C VAL A 24 -7.07 -1.07 -31.49
N SER A 25 -5.88 -1.57 -31.83
CA SER A 25 -4.80 -0.78 -32.41
C SER A 25 -4.48 -1.32 -33.79
N GLY A 26 -4.13 -0.42 -34.70
CA GLY A 26 -3.77 -0.77 -36.06
C GLY A 26 -4.92 -0.89 -37.04
N TYR A 27 -6.16 -0.95 -36.57
CA TYR A 27 -7.31 -1.06 -37.43
C TYR A 27 -8.52 -0.45 -36.76
N THR A 28 -9.31 0.29 -37.54
CA THR A 28 -10.52 0.92 -37.04
C THR A 28 -11.52 -0.15 -36.59
N LEU A 29 -12.22 0.13 -35.50
CA LEU A 29 -13.21 -0.80 -34.98
C LEU A 29 -14.48 -0.65 -35.81
N THR A 30 -14.34 -0.70 -37.13
CA THR A 30 -15.44 -0.59 -38.07
C THR A 30 -15.47 -1.83 -38.92
N GLU A 31 -16.66 -2.41 -39.08
CA GLU A 31 -16.88 -3.63 -39.87
C GLU A 31 -16.05 -4.78 -39.32
N LEU A 32 -15.59 -4.61 -38.08
CA LEU A 32 -14.79 -5.57 -37.33
C LEU A 32 -15.67 -6.07 -36.18
N SER A 33 -16.14 -7.31 -36.27
CA SER A 33 -17.00 -7.88 -35.24
C SER A 33 -16.24 -8.14 -33.93
N ILE A 34 -16.90 -7.84 -32.80
CA ILE A 34 -16.31 -8.04 -31.48
C ILE A 34 -17.05 -9.16 -30.75
N HIS A 35 -16.30 -10.08 -30.16
CA HIS A 35 -16.90 -11.18 -29.43
C HIS A 35 -16.37 -11.20 -28.01
N TRP A 36 -17.21 -11.61 -27.07
CA TRP A 36 -16.82 -11.72 -25.68
C TRP A 36 -17.03 -13.16 -25.29
N VAL A 37 -15.94 -13.78 -24.81
CA VAL A 37 -15.88 -15.17 -24.39
C VAL A 37 -15.37 -15.24 -22.95
N ARG A 38 -16.05 -15.99 -22.10
CA ARG A 38 -15.66 -16.14 -20.71
C ARG A 38 -15.02 -17.51 -20.48
N GLN A 39 -13.94 -17.53 -19.71
CA GLN A 39 -13.24 -18.75 -19.39
C GLN A 39 -13.13 -18.90 -17.88
N ALA A 40 -13.82 -19.88 -17.31
CA ALA A 40 -13.62 -20.10 -15.90
C ALA A 40 -12.23 -20.70 -15.74
N PRO A 41 -11.42 -20.22 -14.79
CA PRO A 41 -10.05 -20.74 -14.64
C PRO A 41 -10.04 -22.25 -14.53
N GLY A 42 -9.27 -22.91 -15.42
CA GLY A 42 -9.23 -24.36 -15.45
C GLY A 42 -10.56 -24.97 -15.79
N ASN A 43 -11.36 -24.27 -16.61
CA ASN A 43 -12.69 -24.71 -17.03
C ASN A 43 -12.87 -24.34 -18.50
N GLY A 44 -14.07 -24.59 -19.02
CA GLY A 44 -14.36 -24.34 -20.42
C GLY A 44 -14.60 -22.89 -20.80
N LEU A 45 -14.60 -22.68 -22.12
CA LEU A 45 -14.85 -21.37 -22.71
C LEU A 45 -16.35 -21.21 -22.94
N GLU A 46 -16.89 -20.05 -22.53
CA GLU A 46 -18.32 -19.75 -22.67
C GLU A 46 -18.47 -18.48 -23.48
N TRP A 47 -19.10 -18.58 -24.64
CA TRP A 47 -19.27 -17.41 -25.50
C TRP A 47 -20.41 -16.54 -24.97
N MET A 48 -20.06 -15.39 -24.40
CA MET A 48 -21.09 -14.48 -23.90
C MET A 48 -21.88 -13.88 -25.03
N GLY A 49 -21.22 -13.17 -25.94
CA GLY A 49 -22.04 -12.60 -27.00
C GLY A 49 -21.19 -11.90 -28.04
N GLY A 50 -21.85 -11.43 -29.08
CA GLY A 50 -21.19 -10.74 -30.15
C GLY A 50 -21.82 -9.37 -30.32
N PHE A 51 -21.00 -8.42 -30.75
CA PHE A 51 -21.43 -7.05 -30.97
C PHE A 51 -20.98 -6.68 -32.37
N ASP A 52 -21.90 -6.12 -33.15
CA ASP A 52 -21.55 -5.72 -34.49
C ASP A 52 -21.10 -4.27 -34.47
N PRO A 53 -19.90 -3.97 -34.95
CA PRO A 53 -19.42 -2.58 -34.95
C PRO A 53 -20.27 -1.61 -35.76
N GLU A 54 -20.65 -1.96 -36.99
CA GLU A 54 -21.42 -1.00 -37.78
C GLU A 54 -22.92 -1.11 -37.52
N ASP A 55 -23.25 -1.07 -36.22
CA ASP A 55 -24.61 -1.07 -35.70
C ASP A 55 -25.43 -2.29 -36.03
N GLY A 56 -24.83 -3.37 -36.47
CA GLY A 56 -25.63 -4.54 -36.72
C GLY A 56 -26.17 -5.02 -35.39
N GLU A 57 -27.16 -5.90 -35.43
CA GLU A 57 -27.71 -6.41 -34.19
C GLU A 57 -26.64 -7.18 -33.43
N THR A 58 -26.71 -7.12 -32.11
CA THR A 58 -25.76 -7.76 -31.22
C THR A 58 -26.51 -8.84 -30.45
N ILE A 59 -26.03 -10.08 -30.56
CA ILE A 59 -26.69 -11.23 -29.94
C ILE A 59 -25.98 -11.62 -28.67
N TYR A 60 -26.76 -11.83 -27.61
CA TYR A 60 -26.26 -12.22 -26.31
C TYR A 60 -26.65 -13.67 -26.05
N ALA A 61 -25.78 -14.41 -25.36
CA ALA A 61 -26.13 -15.78 -25.02
C ALA A 61 -27.32 -15.77 -24.06
N GLN A 62 -28.17 -16.79 -24.16
CA GLN A 62 -29.36 -16.88 -23.31
C GLN A 62 -29.00 -16.70 -21.84
N LYS A 63 -27.82 -17.22 -21.46
CA LYS A 63 -27.36 -17.14 -20.08
C LYS A 63 -27.21 -15.70 -19.62
N PHE A 64 -26.44 -14.91 -20.35
CA PHE A 64 -26.13 -13.55 -19.98
C PHE A 64 -27.02 -12.48 -20.60
N GLN A 65 -28.17 -12.83 -21.17
CA GLN A 65 -29.00 -11.82 -21.83
C GLN A 65 -29.37 -10.63 -20.94
N GLY A 66 -30.00 -10.88 -19.78
CA GLY A 66 -30.42 -9.78 -18.93
C GLY A 66 -29.31 -8.97 -18.28
N ARG A 67 -28.14 -9.59 -18.07
CA ARG A 67 -27.01 -8.97 -17.36
C ARG A 67 -25.88 -8.38 -18.22
N VAL A 68 -25.82 -8.58 -19.53
CA VAL A 68 -24.69 -8.03 -20.29
C VAL A 68 -25.15 -6.97 -21.27
N THR A 69 -24.37 -5.89 -21.32
CA THR A 69 -24.56 -4.74 -22.19
C THR A 69 -23.23 -4.52 -22.89
N MET A 70 -23.27 -4.33 -24.20
CA MET A 70 -22.06 -4.11 -24.97
C MET A 70 -22.15 -2.75 -25.65
N THR A 71 -21.04 -2.02 -25.65
CA THR A 71 -21.01 -0.68 -26.24
C THR A 71 -19.67 -0.43 -26.92
N GLU A 72 -19.64 0.54 -27.82
CA GLU A 72 -18.44 0.88 -28.56
C GLU A 72 -18.15 2.36 -28.57
N ASP A 73 -16.88 2.69 -28.41
CA ASP A 73 -16.41 4.07 -28.53
C ASP A 73 -15.53 3.97 -29.77
N THR A 74 -16.10 4.34 -30.93
CA THR A 74 -15.35 4.24 -32.18
C THR A 74 -14.16 5.19 -32.17
N SER A 75 -14.30 6.35 -31.54
CA SER A 75 -13.23 7.33 -31.47
C SER A 75 -11.98 6.73 -30.82
N THR A 76 -12.13 6.11 -29.66
CA THR A 76 -10.99 5.54 -28.99
C THR A 76 -10.70 4.12 -29.45
N ASP A 77 -11.52 3.57 -30.36
CA ASP A 77 -11.36 2.19 -30.83
C ASP A 77 -11.55 1.17 -29.71
N THR A 78 -12.38 1.48 -28.71
CA THR A 78 -12.57 0.55 -27.61
C THR A 78 -14.01 0.09 -27.48
N ALA A 79 -14.17 -1.22 -27.37
CA ALA A 79 -15.43 -1.90 -27.16
C ALA A 79 -15.51 -2.14 -25.65
N TYR A 80 -16.72 -2.20 -25.14
CA TYR A 80 -16.93 -2.37 -23.73
C TYR A 80 -17.92 -3.47 -23.48
N MET A 81 -17.66 -4.22 -22.41
CA MET A 81 -18.54 -5.28 -21.97
C MET A 81 -18.89 -4.94 -20.53
N GLU A 82 -20.16 -5.06 -20.17
CA GLU A 82 -20.61 -4.77 -18.80
C GLU A 82 -21.55 -5.88 -18.36
N LEU A 83 -21.18 -6.55 -17.28
CA LEU A 83 -21.95 -7.63 -16.68
C LEU A 83 -22.39 -7.21 -15.30
N SER A 84 -23.69 -7.22 -15.05
CA SER A 84 -24.22 -6.75 -13.77
C SER A 84 -24.72 -7.88 -12.87
N SER A 85 -25.05 -7.47 -11.63
CA SER A 85 -25.55 -8.37 -10.59
C SER A 85 -24.61 -9.57 -10.47
N LEU A 86 -23.32 -9.27 -10.41
CA LEU A 86 -22.30 -10.31 -10.36
C LEU A 86 -22.55 -11.28 -9.21
N ARG A 87 -22.30 -12.56 -9.48
CA ARG A 87 -22.44 -13.65 -8.54
C ARG A 87 -21.12 -14.42 -8.52
N SER A 88 -20.84 -15.15 -7.43
CA SER A 88 -19.57 -15.87 -7.33
C SER A 88 -19.29 -16.77 -8.54
N ASP A 89 -20.33 -17.23 -9.22
CA ASP A 89 -20.09 -18.05 -10.39
C ASP A 89 -19.47 -17.26 -11.53
N ASP A 90 -19.41 -15.93 -11.41
CA ASP A 90 -18.87 -15.09 -12.46
C ASP A 90 -17.36 -14.85 -12.39
N THR A 91 -16.67 -15.27 -11.31
CA THR A 91 -15.23 -15.08 -11.21
C THR A 91 -14.51 -15.82 -12.33
N ALA A 92 -13.94 -15.10 -13.31
CA ALA A 92 -13.29 -15.78 -14.42
C ALA A 92 -12.48 -14.79 -15.24
N VAL A 93 -11.78 -15.33 -16.26
CA VAL A 93 -11.00 -14.50 -17.18
C VAL A 93 -11.90 -14.18 -18.36
N TYR A 94 -11.98 -12.92 -18.72
CA TYR A 94 -12.84 -12.43 -19.80
C TYR A 94 -12.00 -12.00 -21.00
N TYR A 95 -12.40 -12.47 -22.18
CA TYR A 95 -11.71 -12.19 -23.42
C TYR A 95 -12.62 -11.54 -24.43
N CYS A 96 -12.04 -10.68 -25.24
CA CYS A 96 -12.71 -10.08 -26.37
C CYS A 96 -11.89 -10.56 -27.55
N ALA A 97 -12.58 -10.98 -28.59
CA ALA A 97 -11.96 -11.50 -29.80
C ALA A 97 -12.41 -10.64 -30.97
N THR A 98 -11.44 -10.07 -31.65
CA THR A 98 -11.68 -9.24 -32.84
C THR A 98 -11.70 -10.21 -34.01
N ALA A 99 -12.91 -10.64 -34.34
CA ALA A 99 -13.20 -11.54 -35.44
C ALA A 99 -13.85 -10.81 -36.61
N GLY A 100 -13.18 -9.85 -37.25
CA GLY A 100 -13.83 -9.16 -38.35
C GLY A 100 -12.88 -8.54 -39.35
N ALA A 101 -13.37 -8.37 -40.58
CA ALA A 101 -12.64 -7.78 -41.70
C ALA A 101 -11.30 -8.47 -41.95
N ILE A 102 -10.26 -7.68 -42.18
CA ILE A 102 -8.91 -8.19 -42.42
C ILE A 102 -7.99 -7.47 -41.44
N THR A 103 -7.23 -8.24 -40.64
CA THR A 103 -6.33 -7.62 -39.69
C THR A 103 -5.25 -6.81 -40.41
N GLY A 104 -4.74 -7.33 -41.53
CA GLY A 104 -3.75 -6.60 -42.31
C GLY A 104 -2.30 -6.63 -41.83
N THR A 105 -2.10 -6.49 -40.56
CA THR A 105 -0.77 -6.45 -39.96
C THR A 105 -0.31 -7.84 -39.56
N PRO A 106 1.00 -8.10 -39.60
CA PRO A 106 1.49 -9.44 -39.27
C PRO A 106 1.27 -9.91 -37.84
N ARG A 107 1.73 -9.17 -36.83
CA ARG A 107 1.58 -9.61 -35.44
C ARG A 107 2.25 -10.97 -35.29
N ASN A 108 3.56 -10.99 -35.58
CA ASN A 108 4.36 -12.21 -35.58
C ASN A 108 3.75 -12.98 -36.76
N PHE A 109 3.14 -14.14 -36.54
CA PHE A 109 2.53 -14.82 -37.67
C PHE A 109 1.37 -13.94 -38.17
N TYR A 110 1.41 -13.58 -39.46
CA TYR A 110 0.42 -12.69 -40.04
C TYR A 110 -1.00 -13.24 -40.06
N TYR A 111 -1.92 -12.49 -39.42
CA TYR A 111 -3.33 -12.88 -39.37
C TYR A 111 -3.96 -12.76 -40.76
N TYR A 112 -3.58 -11.71 -41.50
CA TYR A 112 -3.97 -11.36 -42.88
C TYR A 112 -5.47 -11.39 -43.11
N TYR A 113 -5.97 -12.07 -44.16
CA TYR A 113 -7.40 -12.13 -44.46
C TYR A 113 -8.18 -12.72 -43.30
N GLY A 114 -7.51 -13.48 -42.44
CA GLY A 114 -8.17 -14.02 -41.29
C GLY A 114 -8.74 -12.91 -40.44
N MET A 115 -9.69 -13.26 -39.61
CA MET A 115 -10.31 -12.24 -38.79
C MET A 115 -9.94 -12.28 -37.32
N ASP A 116 -9.88 -13.46 -36.71
CA ASP A 116 -9.66 -13.54 -35.27
C ASP A 116 -8.28 -13.15 -34.79
N VAL A 117 -8.30 -12.34 -33.73
CA VAL A 117 -7.20 -11.89 -32.89
C VAL A 117 -7.86 -11.93 -31.52
N TRP A 118 -7.09 -12.23 -30.47
CA TRP A 118 -7.70 -12.35 -29.15
C TRP A 118 -7.03 -11.43 -28.14
N GLY A 119 -7.84 -10.92 -27.22
CA GLY A 119 -7.31 -10.07 -26.17
C GLY A 119 -6.51 -10.87 -25.17
N GLN A 120 -5.69 -10.17 -24.39
CA GLN A 120 -4.85 -10.84 -23.41
C GLN A 120 -5.65 -11.46 -22.27
N GLY A 121 -6.83 -10.90 -21.97
CA GLY A 121 -7.68 -11.38 -20.91
C GLY A 121 -7.75 -10.43 -19.72
N THR A 122 -8.92 -10.40 -19.06
CA THR A 122 -9.14 -9.58 -17.88
C THR A 122 -9.70 -10.48 -16.80
N THR A 123 -8.94 -10.67 -15.72
CA THR A 123 -9.39 -11.50 -14.62
C THR A 123 -10.33 -10.70 -13.73
N VAL A 124 -11.53 -11.21 -13.51
CA VAL A 124 -12.53 -10.55 -12.69
C VAL A 124 -12.91 -11.48 -11.55
N THR A 125 -12.74 -11.01 -10.32
CA THR A 125 -13.05 -11.80 -9.14
C THR A 125 -14.21 -11.18 -8.37
N VAL A 126 -15.25 -11.98 -8.11
CA VAL A 126 -16.41 -11.52 -7.37
C VAL A 126 -16.23 -12.01 -5.94
N SER A 127 -16.05 -11.06 -5.00
CA SER A 127 -15.83 -11.41 -3.61
C SER A 127 -16.00 -10.19 -2.70
N SER A 128 -16.51 -10.45 -1.50
CA SER A 128 -16.66 -9.39 -0.50
C SER A 128 -15.36 -9.09 0.25
N ALA A 129 -14.38 -9.99 0.19
CA ALA A 129 -13.10 -9.90 0.89
C ALA A 129 -12.33 -8.62 0.61
N SER A 130 -11.39 -8.30 1.49
CA SER A 130 -10.59 -7.09 1.32
C SER A 130 -9.42 -7.33 0.37
N THR A 131 -9.19 -6.38 -0.53
CA THR A 131 -8.08 -6.53 -1.47
C THR A 131 -6.77 -6.31 -0.70
N LYS A 132 -5.75 -7.08 -1.03
CA LYS A 132 -4.50 -6.90 -0.34
C LYS A 132 -3.37 -6.97 -1.35
N GLY A 133 -2.48 -5.99 -1.26
CA GLY A 133 -1.34 -5.92 -2.13
C GLY A 133 -0.32 -6.98 -1.76
N PRO A 134 0.47 -7.41 -2.74
CA PRO A 134 1.50 -8.40 -2.50
C PRO A 134 2.71 -7.77 -1.84
N SER A 135 3.47 -8.61 -1.18
CA SER A 135 4.71 -8.23 -0.53
C SER A 135 5.82 -8.88 -1.35
N VAL A 136 6.73 -8.09 -1.92
CA VAL A 136 7.78 -8.66 -2.78
C VAL A 136 9.13 -8.72 -2.07
N PHE A 137 9.69 -9.93 -1.94
CA PHE A 137 10.99 -10.12 -1.33
C PHE A 137 11.91 -10.74 -2.37
N PRO A 138 13.22 -10.54 -2.26
CA PRO A 138 14.13 -11.14 -3.24
C PRO A 138 14.53 -12.56 -2.87
N LEU A 139 14.88 -13.32 -3.89
CA LEU A 139 15.39 -14.69 -3.74
C LEU A 139 16.77 -14.47 -4.33
N ALA A 140 17.72 -14.07 -3.48
CA ALA A 140 19.06 -13.71 -3.90
C ALA A 140 19.88 -14.90 -4.36
N PRO A 141 20.69 -14.75 -5.40
CA PRO A 141 21.53 -15.87 -5.85
C PRO A 141 22.66 -16.04 -4.86
N SER A 142 23.15 -17.27 -4.75
CA SER A 142 24.25 -17.57 -3.83
C SER A 142 24.96 -18.82 -4.31
N SER A 143 25.90 -19.30 -3.49
CA SER A 143 26.58 -20.55 -3.79
C SER A 143 25.57 -21.68 -3.68
N LYS A 144 24.49 -21.44 -2.94
CA LYS A 144 23.37 -22.34 -2.77
C LYS A 144 22.41 -22.25 -3.96
N SER A 145 22.61 -21.24 -4.81
CA SER A 145 21.81 -20.98 -6.00
C SER A 145 22.54 -21.30 -7.29
N THR A 146 23.76 -21.85 -7.23
CA THR A 146 24.54 -22.11 -8.43
C THR A 146 24.79 -23.58 -8.74
N SER A 147 24.67 -23.93 -10.02
CA SER A 147 24.87 -25.29 -10.51
C SER A 147 25.57 -25.26 -11.86
N GLY A 148 26.69 -25.97 -11.96
CA GLY A 148 27.43 -26.03 -13.22
C GLY A 148 27.66 -24.70 -13.88
N GLY A 149 27.97 -23.67 -13.10
CA GLY A 149 28.22 -22.36 -13.63
C GLY A 149 27.02 -21.47 -13.81
N THR A 150 25.82 -21.97 -13.59
CA THR A 150 24.64 -21.14 -13.74
C THR A 150 24.08 -20.87 -12.36
N ALA A 151 23.65 -19.64 -12.15
CA ALA A 151 23.07 -19.18 -10.89
C ALA A 151 21.59 -18.96 -11.11
N ALA A 152 20.83 -19.09 -10.01
CA ALA A 152 19.39 -18.91 -10.03
C ALA A 152 18.97 -17.81 -9.05
N LEU A 153 18.15 -16.88 -9.53
CA LEU A 153 17.67 -15.79 -8.65
C LEU A 153 16.16 -15.66 -8.84
N GLY A 154 15.51 -14.81 -8.05
CA GLY A 154 14.07 -14.63 -8.22
C GLY A 154 13.46 -13.63 -7.26
N CYS A 155 12.12 -13.67 -7.23
CA CYS A 155 11.27 -12.81 -6.42
C CYS A 155 10.13 -13.63 -5.83
N LEU A 156 9.83 -13.36 -4.56
CA LEU A 156 8.77 -14.01 -3.80
C LEU A 156 7.67 -12.98 -3.61
N VAL A 157 6.51 -13.22 -4.22
CA VAL A 157 5.35 -12.36 -4.17
C VAL A 157 4.47 -12.98 -3.10
N LYS A 158 4.51 -12.48 -1.88
CA LYS A 158 3.75 -13.11 -0.83
C LYS A 158 2.51 -12.36 -0.35
N ASP A 159 1.53 -13.15 0.06
CA ASP A 159 0.28 -12.77 0.70
C ASP A 159 -0.49 -11.66 -0.02
N TYR A 160 -1.02 -12.01 -1.20
CA TYR A 160 -1.85 -11.09 -1.97
C TYR A 160 -3.21 -11.76 -2.24
N PHE A 161 -4.23 -10.92 -2.50
CA PHE A 161 -5.59 -11.34 -2.84
C PHE A 161 -6.27 -10.17 -3.54
N PRO A 162 -7.01 -10.38 -4.64
CA PRO A 162 -7.26 -11.58 -5.43
C PRO A 162 -6.12 -11.95 -6.41
N GLU A 163 -6.29 -13.17 -6.88
CA GLU A 163 -5.38 -13.97 -7.70
C GLU A 163 -4.50 -13.30 -8.76
N PRO A 164 -4.99 -12.47 -9.65
CA PRO A 164 -4.08 -11.99 -10.71
C PRO A 164 -2.90 -11.07 -10.36
N VAL A 165 -1.70 -11.60 -10.49
CA VAL A 165 -0.46 -10.84 -10.30
C VAL A 165 0.43 -11.16 -11.50
N THR A 166 1.02 -10.14 -12.10
CA THR A 166 1.89 -10.35 -13.24
C THR A 166 3.33 -10.02 -12.87
N VAL A 167 4.26 -10.87 -13.29
CA VAL A 167 5.67 -10.66 -13.01
C VAL A 167 6.43 -10.64 -14.32
N SER A 168 7.29 -9.65 -14.47
CA SER A 168 8.10 -9.56 -15.67
C SER A 168 9.53 -9.38 -15.19
N TRP A 169 10.48 -9.53 -16.10
CA TRP A 169 11.89 -9.40 -15.73
C TRP A 169 12.59 -8.36 -16.60
N ASN A 170 13.32 -7.47 -15.94
CA ASN A 170 14.04 -6.40 -16.61
C ASN A 170 13.12 -5.75 -17.64
N SER A 171 11.96 -5.32 -17.12
CA SER A 171 10.92 -4.65 -17.88
C SER A 171 10.52 -5.43 -19.12
N GLY A 172 10.58 -6.74 -19.07
CA GLY A 172 10.20 -7.53 -20.21
C GLY A 172 11.35 -7.90 -21.10
N ALA A 173 12.54 -7.32 -20.89
CA ALA A 173 13.71 -7.67 -21.69
C ALA A 173 14.20 -9.08 -21.41
N LEU A 174 13.93 -9.61 -20.23
CA LEU A 174 14.41 -10.92 -19.84
C LEU A 174 13.25 -11.91 -19.79
N THR A 175 13.27 -12.89 -20.70
CA THR A 175 12.28 -13.95 -20.76
C THR A 175 12.90 -15.34 -20.94
N SER A 176 14.11 -15.41 -21.47
CA SER A 176 14.78 -16.73 -21.63
C SER A 176 15.12 -17.29 -20.25
N GLY A 177 14.73 -18.53 -19.98
CA GLY A 177 15.03 -19.17 -18.71
C GLY A 177 14.25 -18.68 -17.52
N VAL A 178 13.10 -18.05 -17.73
CA VAL A 178 12.23 -17.51 -16.68
C VAL A 178 11.12 -18.50 -16.34
N HIS A 179 10.85 -18.67 -15.04
CA HIS A 179 9.77 -19.53 -14.55
C HIS A 179 8.93 -18.78 -13.52
N THR A 180 7.69 -18.41 -13.87
CA THR A 180 6.78 -17.74 -12.94
C THR A 180 5.84 -18.84 -12.48
N PHE A 181 5.94 -19.21 -11.23
CA PHE A 181 5.16 -20.31 -10.75
C PHE A 181 3.69 -19.97 -10.48
N PRO A 182 2.81 -20.96 -10.60
CA PRO A 182 1.42 -20.74 -10.22
C PRO A 182 1.39 -20.42 -8.74
N ALA A 183 0.40 -19.62 -8.36
CA ALA A 183 0.26 -19.22 -6.97
C ALA A 183 -0.29 -20.33 -6.06
N VAL A 184 0.11 -20.26 -4.80
CA VAL A 184 -0.38 -21.17 -3.76
C VAL A 184 -1.26 -20.35 -2.83
N LEU A 185 -2.19 -21.04 -2.18
CA LEU A 185 -3.12 -20.40 -1.27
C LEU A 185 -2.73 -20.72 0.16
N GLN A 186 -2.27 -19.71 0.88
CA GLN A 186 -1.92 -19.90 2.28
C GLN A 186 -3.21 -20.16 3.06
N SER A 187 -3.06 -20.78 4.24
CA SER A 187 -4.25 -21.04 5.06
C SER A 187 -5.00 -19.75 5.29
N SER A 188 -4.28 -18.63 5.33
CA SER A 188 -4.86 -17.32 5.53
C SER A 188 -5.88 -16.95 4.46
N GLY A 189 -5.94 -17.69 3.37
CA GLY A 189 -6.82 -17.35 2.30
C GLY A 189 -6.22 -16.41 1.29
N LEU A 190 -4.95 -16.01 1.47
CA LEU A 190 -4.20 -15.13 0.57
C LEU A 190 -3.22 -15.92 -0.30
N TYR A 191 -3.02 -15.44 -1.52
CA TYR A 191 -2.15 -16.10 -2.48
C TYR A 191 -0.73 -15.62 -2.33
N SER A 192 0.21 -16.51 -2.69
CA SER A 192 1.66 -16.27 -2.71
C SER A 192 2.20 -16.95 -3.96
N LEU A 193 3.30 -16.42 -4.49
CA LEU A 193 3.85 -16.92 -5.74
C LEU A 193 5.34 -16.63 -5.80
N SER A 194 6.01 -17.26 -6.75
CA SER A 194 7.44 -17.05 -6.89
C SER A 194 7.79 -17.02 -8.37
N SER A 195 8.76 -16.19 -8.71
CA SER A 195 9.22 -16.11 -10.09
C SER A 195 10.74 -16.15 -10.01
N VAL A 196 11.34 -17.07 -10.76
CA VAL A 196 12.77 -17.30 -10.75
C VAL A 196 13.30 -17.24 -12.19
N VAL A 197 14.62 -17.12 -12.30
CA VAL A 197 15.29 -17.07 -13.59
C VAL A 197 16.73 -17.56 -13.42
N THR A 198 17.21 -18.30 -14.42
CA THR A 198 18.56 -18.84 -14.41
C THR A 198 19.42 -17.99 -15.34
N VAL A 199 20.55 -17.52 -14.83
CA VAL A 199 21.45 -16.66 -15.60
C VAL A 199 22.89 -17.10 -15.37
N PRO A 200 23.81 -16.73 -16.26
CA PRO A 200 25.21 -17.12 -16.05
C PRO A 200 25.73 -16.48 -14.77
N SER A 201 26.32 -17.31 -13.90
CA SER A 201 26.83 -16.77 -12.65
C SER A 201 27.97 -15.80 -12.92
N SER A 202 28.74 -16.02 -13.98
CA SER A 202 29.83 -15.10 -14.29
C SER A 202 29.29 -13.68 -14.45
N SER A 203 28.08 -13.56 -14.98
CA SER A 203 27.45 -12.29 -15.22
C SER A 203 26.96 -11.59 -13.95
N LEU A 204 26.75 -12.34 -12.86
CA LEU A 204 26.20 -11.81 -11.62
C LEU A 204 26.74 -10.45 -11.22
N GLY A 205 28.01 -10.20 -11.49
CA GLY A 205 28.60 -8.92 -11.15
C GLY A 205 28.28 -7.79 -12.11
N THR A 206 28.12 -8.13 -13.40
CA THR A 206 27.89 -7.11 -14.41
C THR A 206 26.44 -6.83 -14.75
N GLN A 207 25.56 -7.81 -14.66
CA GLN A 207 24.17 -7.58 -15.06
C GLN A 207 23.26 -7.13 -13.92
N THR A 208 22.20 -6.43 -14.28
CA THR A 208 21.23 -5.97 -13.30
C THR A 208 19.91 -6.73 -13.53
N TYR A 209 19.43 -7.39 -12.49
CA TYR A 209 18.21 -8.14 -12.59
C TYR A 209 17.17 -7.49 -11.72
N ILE A 210 16.06 -7.10 -12.31
CA ILE A 210 14.98 -6.45 -11.60
C ILE A 210 13.69 -7.17 -11.95
N CYS A 211 12.89 -7.51 -10.95
CA CYS A 211 11.60 -8.15 -11.17
C CYS A 211 10.53 -7.08 -11.04
N ASN A 212 9.58 -7.06 -12.00
CA ASN A 212 8.46 -6.11 -12.10
C ASN A 212 7.16 -6.84 -11.76
N VAL A 213 6.58 -6.50 -10.62
CA VAL A 213 5.35 -7.13 -10.17
C VAL A 213 4.23 -6.11 -10.18
N ASN A 214 3.13 -6.47 -10.87
CA ASN A 214 1.95 -5.65 -10.96
C ASN A 214 0.78 -6.45 -10.35
N HIS A 215 0.09 -5.82 -9.40
CA HIS A 215 -1.14 -6.41 -8.82
C HIS A 215 -2.23 -5.36 -9.06
N LYS A 216 -2.82 -5.39 -10.24
CA LYS A 216 -3.79 -4.36 -10.62
C LYS A 216 -4.90 -4.22 -9.60
N PRO A 217 -5.51 -5.30 -9.10
CA PRO A 217 -6.58 -5.11 -8.09
C PRO A 217 -6.13 -4.26 -6.91
N SER A 218 -4.91 -4.47 -6.44
CA SER A 218 -4.37 -3.71 -5.31
C SER A 218 -3.88 -2.34 -5.71
N ASN A 219 -3.68 -2.13 -7.01
CA ASN A 219 -3.11 -0.90 -7.56
C ASN A 219 -1.64 -0.78 -7.15
N THR A 220 -0.89 -1.87 -7.25
CA THR A 220 0.53 -1.86 -6.86
C THR A 220 1.48 -2.27 -7.97
N LYS A 221 2.54 -1.45 -8.16
CA LYS A 221 3.58 -1.70 -9.16
C LYS A 221 4.88 -1.61 -8.38
N VAL A 222 5.60 -2.73 -8.25
CA VAL A 222 6.86 -2.80 -7.51
C VAL A 222 7.97 -3.33 -8.39
N ASP A 223 9.15 -2.73 -8.26
CA ASP A 223 10.34 -3.13 -9.00
C ASP A 223 11.41 -3.44 -7.97
N LYS A 224 11.71 -4.73 -7.76
CA LYS A 224 12.72 -5.15 -6.80
C LYS A 224 13.95 -5.69 -7.51
N LYS A 225 15.09 -5.04 -7.24
CA LYS A 225 16.36 -5.43 -7.81
C LYS A 225 16.92 -6.57 -6.97
N VAL A 226 17.18 -7.72 -7.60
CA VAL A 226 17.71 -8.89 -6.91
C VAL A 226 19.22 -8.89 -7.06
N GLU A 227 19.94 -8.80 -5.94
CA GLU A 227 21.43 -8.75 -5.97
C GLU A 227 22.01 -9.85 -5.08
N PRO A 228 23.10 -10.54 -5.49
CA PRO A 228 23.67 -11.65 -4.70
C PRO A 228 24.29 -11.24 -3.36
N LYS A 229 24.01 -12.00 -2.28
CA LYS A 229 24.65 -11.72 -0.98
C LYS A 229 24.61 -12.92 -0.02
N SER A 230 25.46 -12.94 1.02
CA SER A 230 25.38 -13.94 2.12
C SER A 230 25.46 -15.41 1.68
N CYS A 231 24.54 -16.25 2.18
CA CYS A 231 24.56 -17.69 1.87
C CYS A 231 23.19 -18.14 1.35
N ASP B 1 -28.68 -25.85 -27.23
CA ASP B 1 -27.35 -25.36 -27.72
C ASP B 1 -26.59 -26.56 -28.32
N ILE B 2 -25.99 -26.37 -29.50
CA ILE B 2 -25.18 -27.44 -30.09
C ILE B 2 -24.12 -27.85 -29.08
N VAL B 3 -23.94 -29.16 -28.90
CA VAL B 3 -22.98 -29.70 -27.94
C VAL B 3 -21.65 -30.01 -28.65
N MET B 4 -20.54 -29.73 -27.98
CA MET B 4 -19.22 -30.00 -28.53
C MET B 4 -18.40 -30.77 -27.52
N THR B 5 -18.03 -32.01 -27.86
CA THR B 5 -17.26 -32.88 -26.98
C THR B 5 -16.03 -33.39 -27.71
N GLN B 6 -14.86 -33.30 -27.07
CA GLN B 6 -13.61 -33.76 -27.69
C GLN B 6 -13.31 -35.17 -27.21
N THR B 7 -13.27 -36.12 -28.16
CA THR B 7 -13.04 -37.54 -27.85
C THR B 7 -11.78 -37.82 -27.06
N PRO B 8 -10.59 -37.34 -27.43
CA PRO B 8 -9.40 -37.66 -26.62
C PRO B 8 -9.46 -36.94 -25.28
N LEU B 9 -9.24 -37.68 -24.20
CA LEU B 9 -9.26 -37.06 -22.88
C LEU B 9 -7.96 -36.30 -22.61
N SER B 10 -6.85 -37.04 -22.58
CA SER B 10 -5.51 -36.51 -22.37
C SER B 10 -4.59 -37.28 -23.29
N SER B 11 -3.49 -36.66 -23.72
CA SER B 11 -2.64 -37.40 -24.66
C SER B 11 -1.12 -37.29 -24.45
N PRO B 12 -0.46 -38.34 -23.92
CA PRO B 12 1.01 -38.26 -23.77
C PRO B 12 1.64 -38.72 -25.08
N VAL B 13 2.27 -37.83 -25.85
CA VAL B 13 2.82 -38.26 -27.13
C VAL B 13 4.31 -37.98 -27.22
N THR B 14 5.01 -38.86 -27.94
CA THR B 14 6.44 -38.73 -28.17
C THR B 14 6.69 -37.57 -29.12
N LEU B 15 7.85 -36.92 -28.96
CA LEU B 15 8.15 -35.82 -29.85
C LEU B 15 8.25 -36.31 -31.30
N GLY B 16 8.02 -35.39 -32.23
CA GLY B 16 8.08 -35.68 -33.65
C GLY B 16 7.04 -36.68 -34.12
N GLN B 17 6.20 -37.22 -33.13
CA GLN B 17 5.17 -38.20 -33.45
C GLN B 17 3.83 -37.51 -33.73
N PRO B 18 3.04 -38.06 -34.63
CA PRO B 18 1.74 -37.46 -34.95
C PRO B 18 0.82 -37.46 -33.74
N ALA B 19 -0.26 -36.72 -33.90
CA ALA B 19 -1.30 -36.61 -32.87
C ALA B 19 -2.59 -36.23 -33.58
N SER B 20 -3.72 -36.58 -32.97
CA SER B 20 -5.01 -36.23 -33.58
C SER B 20 -6.09 -36.17 -32.51
N ILE B 21 -6.78 -35.03 -32.46
CA ILE B 21 -7.86 -34.78 -31.52
C ILE B 21 -9.18 -34.82 -32.28
N SER B 22 -10.18 -35.43 -31.66
CA SER B 22 -11.49 -35.56 -32.25
C SER B 22 -12.48 -34.67 -31.51
N CYS B 23 -13.43 -34.15 -32.27
CA CYS B 23 -14.51 -33.31 -31.79
C CYS B 23 -15.79 -33.96 -32.32
N ARG B 24 -16.82 -33.95 -31.49
CA ARG B 24 -18.12 -34.54 -31.82
C ARG B 24 -19.19 -33.52 -31.50
N SER B 25 -20.11 -33.31 -32.43
CA SER B 25 -21.22 -32.39 -32.28
C SER B 25 -22.54 -33.15 -32.28
N SER B 26 -23.45 -32.74 -31.39
CA SER B 26 -24.74 -33.42 -31.31
C SER B 26 -25.56 -33.20 -32.58
N GLN B 27 -25.52 -32.00 -33.15
CA GLN B 27 -26.26 -31.68 -34.35
C GLN B 27 -25.31 -31.37 -35.51
N SER B 28 -25.87 -31.37 -36.72
CA SER B 28 -25.09 -31.09 -37.92
C SER B 28 -24.47 -29.70 -37.87
N LEU B 29 -23.22 -29.62 -38.34
CA LEU B 29 -22.50 -28.32 -38.34
C LEU B 29 -22.73 -27.57 -39.66
N VAL B 30 -23.45 -28.20 -40.61
CA VAL B 30 -23.75 -27.51 -41.85
C VAL B 30 -24.71 -26.37 -41.57
N HIS B 31 -24.43 -25.21 -42.13
CA HIS B 31 -25.24 -24.01 -41.97
C HIS B 31 -26.40 -24.01 -42.94
N SER B 32 -27.28 -23.01 -42.78
CA SER B 32 -28.44 -22.80 -43.64
C SER B 32 -28.04 -22.42 -45.05
N ASP B 33 -26.75 -22.12 -45.25
CA ASP B 33 -26.24 -21.74 -46.60
C ASP B 33 -25.76 -23.00 -47.33
N GLY B 34 -25.05 -23.89 -46.64
CA GLY B 34 -24.57 -25.13 -47.24
C GLY B 34 -23.12 -25.42 -46.88
N ASN B 35 -22.52 -24.58 -46.04
CA ASN B 35 -21.15 -24.70 -45.58
C ASN B 35 -21.14 -25.35 -44.22
N THR B 36 -19.95 -25.52 -43.69
CA THR B 36 -19.75 -26.07 -42.36
C THR B 36 -18.68 -25.19 -41.74
N TYR B 37 -19.02 -24.52 -40.64
CA TYR B 37 -18.11 -23.58 -39.96
C TYR B 37 -17.64 -24.19 -38.65
N LEU B 38 -16.43 -24.77 -38.66
CA LEU B 38 -15.85 -25.36 -37.47
C LEU B 38 -14.45 -24.79 -37.26
N SER B 39 -14.17 -24.33 -36.05
CA SER B 39 -12.88 -23.76 -35.78
C SER B 39 -12.16 -24.60 -34.75
N TRP B 40 -10.84 -24.57 -34.84
CA TRP B 40 -9.94 -25.27 -33.93
C TRP B 40 -8.99 -24.21 -33.41
N LEU B 41 -8.87 -24.17 -32.07
CA LEU B 41 -8.01 -23.17 -31.41
C LEU B 41 -7.05 -23.87 -30.44
N GLN B 42 -5.84 -23.35 -30.34
CA GLN B 42 -4.82 -23.86 -29.43
C GLN B 42 -4.52 -22.81 -28.39
N GLN B 43 -4.54 -23.22 -27.12
CA GLN B 43 -4.24 -22.30 -26.04
C GLN B 43 -3.03 -22.85 -25.32
N ARG B 44 -1.96 -22.07 -25.33
CA ARG B 44 -0.76 -22.44 -24.62
C ARG B 44 -1.02 -22.07 -23.17
N PRO B 45 -0.27 -22.63 -22.21
CA PRO B 45 -0.57 -22.35 -20.79
C PRO B 45 -0.55 -20.87 -20.47
N GLY B 46 -1.59 -20.40 -19.76
CA GLY B 46 -1.69 -19.00 -19.40
C GLY B 46 -1.58 -18.07 -20.61
N GLN B 47 -2.37 -18.32 -21.64
CA GLN B 47 -2.34 -17.52 -22.86
C GLN B 47 -3.76 -17.41 -23.39
N PRO B 48 -4.03 -16.43 -24.23
CA PRO B 48 -5.34 -16.37 -24.85
C PRO B 48 -5.37 -17.42 -25.93
N PRO B 49 -6.54 -17.85 -26.37
CA PRO B 49 -6.59 -18.86 -27.43
C PRO B 49 -6.26 -18.27 -28.79
N ARG B 50 -5.55 -19.04 -29.62
CA ARG B 50 -5.20 -18.62 -30.97
C ARG B 50 -5.88 -19.56 -31.94
N LEU B 51 -6.57 -19.00 -32.93
CA LEU B 51 -7.31 -19.78 -33.91
C LEU B 51 -6.37 -20.40 -34.93
N LEU B 52 -6.47 -21.72 -35.11
CA LEU B 52 -5.55 -22.43 -36.03
C LEU B 52 -6.28 -22.85 -37.30
N ILE B 53 -7.51 -23.34 -37.17
CA ILE B 53 -8.25 -23.87 -38.35
C ILE B 53 -9.67 -23.30 -38.39
N TYR B 54 -10.24 -23.15 -39.60
CA TYR B 54 -11.63 -22.65 -39.77
C TYR B 54 -12.31 -23.61 -40.76
N LYS B 55 -13.64 -23.67 -40.77
CA LYS B 55 -14.28 -24.70 -41.62
C LYS B 55 -13.77 -26.03 -41.06
N ILE B 56 -13.19 -26.89 -41.89
CA ILE B 56 -12.57 -28.10 -41.26
C ILE B 56 -11.14 -28.18 -41.77
N SER B 57 -10.94 -27.87 -43.05
CA SER B 57 -9.62 -27.96 -43.66
C SER B 57 -8.94 -26.61 -43.80
N ASN B 58 -9.70 -25.52 -43.73
CA ASN B 58 -9.11 -24.20 -43.89
C ASN B 58 -8.19 -23.90 -42.72
N ARG B 59 -6.92 -23.70 -43.05
CA ARG B 59 -5.87 -23.41 -42.08
C ARG B 59 -5.62 -21.90 -42.08
N PHE B 60 -5.63 -21.31 -40.90
CA PHE B 60 -5.41 -19.89 -40.76
C PHE B 60 -3.97 -19.54 -41.19
N SER B 61 -3.78 -18.28 -41.58
CA SER B 61 -2.46 -17.83 -42.00
C SER B 61 -1.47 -17.91 -40.85
N GLY B 62 -0.20 -18.11 -41.18
CA GLY B 62 0.79 -18.22 -40.14
C GLY B 62 0.65 -19.45 -39.28
N VAL B 63 -0.26 -20.36 -39.63
CA VAL B 63 -0.48 -21.59 -38.88
C VAL B 63 0.40 -22.65 -39.54
N PRO B 64 1.14 -23.43 -38.78
CA PRO B 64 2.02 -24.44 -39.37
C PRO B 64 1.29 -25.44 -40.24
N ASP B 65 1.98 -25.91 -41.29
CA ASP B 65 1.37 -26.90 -42.21
C ASP B 65 1.21 -28.23 -41.48
N ARG B 66 1.95 -28.41 -40.38
CA ARG B 66 1.83 -29.63 -39.59
C ARG B 66 0.41 -29.83 -39.10
N PHE B 67 -0.29 -28.74 -38.83
CA PHE B 67 -1.68 -28.83 -38.42
C PHE B 67 -2.55 -29.06 -39.64
N SER B 68 -3.57 -29.89 -39.49
CA SER B 68 -4.49 -30.16 -40.58
C SER B 68 -5.85 -30.48 -39.96
N GLY B 69 -6.90 -30.23 -40.73
CA GLY B 69 -8.22 -30.50 -40.18
C GLY B 69 -9.14 -31.19 -41.16
N SER B 70 -9.89 -32.18 -40.69
CA SER B 70 -10.82 -32.88 -41.56
C SER B 70 -12.01 -33.39 -40.77
N GLY B 71 -13.20 -33.02 -41.21
CA GLY B 71 -14.41 -33.42 -40.52
C GLY B 71 -15.51 -33.76 -41.50
N ALA B 72 -16.50 -34.48 -40.99
CA ALA B 72 -17.66 -34.92 -41.74
C ALA B 72 -18.85 -34.89 -40.80
N GLY B 73 -19.93 -34.23 -41.22
CA GLY B 73 -21.15 -34.19 -40.42
C GLY B 73 -21.01 -33.70 -39.00
N THR B 74 -21.00 -34.65 -38.06
CA THR B 74 -20.91 -34.38 -36.64
C THR B 74 -19.57 -34.77 -36.02
N ASP B 75 -18.65 -35.37 -36.78
CA ASP B 75 -17.34 -35.77 -36.28
C ASP B 75 -16.30 -34.91 -36.98
N PHE B 76 -15.26 -34.51 -36.26
CA PHE B 76 -14.20 -33.67 -36.82
C PHE B 76 -12.89 -34.03 -36.17
N THR B 77 -11.79 -33.92 -36.91
CA THR B 77 -10.51 -34.28 -36.35
C THR B 77 -9.40 -33.33 -36.76
N LEU B 78 -8.63 -32.89 -35.77
CA LEU B 78 -7.48 -32.04 -35.95
C LEU B 78 -6.27 -32.97 -35.86
N LYS B 79 -5.35 -32.89 -36.81
CA LYS B 79 -4.18 -33.77 -36.80
C LYS B 79 -2.89 -32.98 -36.95
N ILE B 80 -1.91 -33.30 -36.10
CA ILE B 80 -0.58 -32.70 -36.11
C ILE B 80 0.35 -33.77 -36.64
N SER B 81 0.83 -33.59 -37.88
CA SER B 81 1.71 -34.57 -38.52
C SER B 81 2.91 -34.93 -37.62
N ARG B 82 3.58 -33.92 -37.09
CA ARG B 82 4.72 -34.08 -36.21
C ARG B 82 4.44 -33.18 -35.01
N VAL B 83 4.89 -33.59 -33.83
CA VAL B 83 4.64 -32.83 -32.62
C VAL B 83 5.94 -32.23 -32.12
N GLU B 84 5.92 -30.92 -31.82
CA GLU B 84 7.06 -30.18 -31.31
C GLU B 84 6.76 -29.72 -29.90
N ALA B 85 7.82 -29.33 -29.19
CA ALA B 85 7.63 -28.87 -27.81
C ALA B 85 6.68 -27.68 -27.73
N GLU B 86 6.67 -26.82 -28.75
CA GLU B 86 5.82 -25.64 -28.78
C GLU B 86 4.34 -25.97 -28.92
N ASP B 87 4.01 -27.22 -29.26
CA ASP B 87 2.61 -27.58 -29.43
C ASP B 87 1.90 -27.91 -28.13
N VAL B 88 2.63 -28.12 -27.03
CA VAL B 88 2.04 -28.45 -25.74
C VAL B 88 0.89 -27.50 -25.48
N GLY B 89 -0.17 -27.96 -24.85
CA GLY B 89 -1.24 -27.02 -24.59
C GLY B 89 -2.59 -27.68 -24.58
N VAL B 90 -3.63 -26.86 -24.73
CA VAL B 90 -4.98 -27.36 -24.74
C VAL B 90 -5.62 -26.96 -26.06
N TYR B 91 -6.24 -27.92 -26.72
CA TYR B 91 -6.89 -27.67 -27.99
C TYR B 91 -8.39 -27.71 -27.79
N TYR B 92 -9.07 -26.68 -28.30
CA TYR B 92 -10.51 -26.51 -28.22
C TYR B 92 -11.09 -26.45 -29.64
N CYS B 93 -12.37 -26.83 -29.77
CA CYS B 93 -13.10 -26.80 -31.03
C CYS B 93 -14.33 -25.93 -30.85
N MET B 94 -14.47 -24.92 -31.69
CA MET B 94 -15.54 -23.93 -31.70
C MET B 94 -16.43 -24.10 -32.93
N GLN B 95 -17.68 -23.67 -32.80
CA GLN B 95 -18.63 -23.71 -33.92
C GLN B 95 -19.24 -22.33 -34.05
N VAL B 96 -19.19 -21.80 -35.26
CA VAL B 96 -19.72 -20.48 -35.60
C VAL B 96 -20.93 -20.60 -36.51
N THR B 97 -21.44 -21.81 -36.69
CA THR B 97 -22.61 -22.01 -37.55
C THR B 97 -23.89 -21.58 -36.87
N GLN B 98 -24.07 -21.90 -35.59
CA GLN B 98 -25.30 -21.58 -34.88
C GLN B 98 -25.10 -20.89 -33.54
N PHE B 99 -26.00 -19.93 -33.24
CA PHE B 99 -26.03 -19.17 -31.98
C PHE B 99 -26.79 -19.96 -30.94
N PRO B 100 -26.27 -20.09 -29.72
CA PRO B 100 -25.00 -19.55 -29.24
C PRO B 100 -23.83 -20.42 -29.69
N TYR B 101 -22.68 -19.82 -30.00
CA TYR B 101 -21.51 -20.57 -30.43
C TYR B 101 -21.10 -21.54 -29.33
N THR B 102 -20.54 -22.68 -29.73
CA THR B 102 -20.17 -23.69 -28.76
C THR B 102 -18.69 -24.03 -28.78
N PHE B 103 -18.18 -24.44 -27.62
CA PHE B 103 -16.81 -24.87 -27.44
C PHE B 103 -16.77 -26.26 -26.84
N GLY B 104 -15.76 -27.04 -27.21
CA GLY B 104 -15.58 -28.35 -26.63
C GLY B 104 -14.97 -28.19 -25.25
N GLN B 105 -14.96 -29.26 -24.47
CA GLN B 105 -14.38 -29.13 -23.13
C GLN B 105 -12.88 -28.94 -23.19
N GLY B 106 -12.28 -29.13 -24.35
CA GLY B 106 -10.85 -29.01 -24.50
C GLY B 106 -10.14 -30.33 -24.28
N THR B 107 -8.91 -30.41 -24.77
CA THR B 107 -8.13 -31.62 -24.63
C THR B 107 -6.67 -31.24 -24.43
N LYS B 108 -6.05 -31.76 -23.38
CA LYS B 108 -4.68 -31.43 -23.06
C LYS B 108 -3.69 -32.32 -23.80
N LEU B 109 -2.77 -31.69 -24.53
CA LEU B 109 -1.73 -32.39 -25.27
C LEU B 109 -0.45 -32.17 -24.48
N GLU B 110 0.03 -33.27 -23.92
CA GLU B 110 1.25 -33.36 -23.13
C GLU B 110 2.34 -33.95 -24.02
N ILE B 111 3.57 -34.04 -23.49
CA ILE B 111 4.69 -34.49 -24.29
C ILE B 111 5.51 -35.53 -23.56
N LYS B 112 5.79 -36.65 -24.24
CA LYS B 112 6.64 -37.69 -23.68
C LYS B 112 8.06 -37.32 -24.08
N ARG B 113 8.95 -37.26 -23.09
CA ARG B 113 10.34 -36.89 -23.30
C ARG B 113 11.22 -37.75 -22.41
N THR B 114 12.51 -37.77 -22.70
CA THR B 114 13.41 -38.55 -21.88
C THR B 114 13.58 -37.92 -20.50
N VAL B 115 13.77 -38.78 -19.49
CA VAL B 115 13.91 -38.39 -18.10
C VAL B 115 15.00 -37.33 -17.93
N ALA B 116 14.78 -36.40 -17.01
CA ALA B 116 15.74 -35.35 -16.74
C ALA B 116 15.74 -35.01 -15.25
N ALA B 117 16.90 -35.17 -14.61
CA ALA B 117 17.01 -34.89 -13.19
C ALA B 117 16.89 -33.40 -12.92
N PRO B 118 16.24 -33.00 -11.84
CA PRO B 118 16.14 -31.59 -11.54
C PRO B 118 17.43 -31.04 -10.96
N SER B 119 17.53 -29.72 -10.99
CA SER B 119 18.64 -29.00 -10.37
C SER B 119 18.03 -28.39 -9.12
N VAL B 120 18.70 -28.53 -7.98
CA VAL B 120 18.12 -28.03 -6.74
C VAL B 120 18.85 -26.78 -6.26
N PHE B 121 18.05 -25.77 -5.90
CA PHE B 121 18.54 -24.49 -5.41
C PHE B 121 17.82 -24.16 -4.12
N ILE B 122 18.55 -23.68 -3.16
CA ILE B 122 17.95 -23.29 -1.91
C ILE B 122 18.17 -21.79 -1.73
N PHE B 123 17.14 -21.11 -1.27
CA PHE B 123 17.14 -19.69 -1.05
C PHE B 123 16.74 -19.44 0.39
N PRO B 124 17.49 -18.64 1.13
CA PRO B 124 17.18 -18.34 2.53
C PRO B 124 16.24 -17.16 2.61
N PRO B 125 15.78 -16.80 3.82
CA PRO B 125 14.86 -15.65 3.94
C PRO B 125 15.59 -14.32 3.97
N SER B 126 14.97 -13.34 3.33
CA SER B 126 15.50 -11.98 3.26
C SER B 126 15.31 -11.24 4.59
N ASP B 127 16.19 -10.29 4.83
CA ASP B 127 16.08 -9.51 6.06
C ASP B 127 14.77 -8.70 6.09
N GLU B 128 14.34 -8.16 4.95
CA GLU B 128 13.10 -7.40 4.92
C GLU B 128 11.95 -8.27 5.42
N GLN B 129 11.91 -9.53 4.98
CA GLN B 129 10.85 -10.40 5.43
C GLN B 129 10.96 -10.65 6.92
N LEU B 130 12.19 -10.80 7.43
CA LEU B 130 12.37 -10.99 8.87
C LEU B 130 11.84 -9.77 9.62
N LYS B 131 12.08 -8.57 9.08
CA LYS B 131 11.56 -7.38 9.72
C LYS B 131 10.04 -7.46 9.75
N SER B 132 9.44 -7.98 8.68
CA SER B 132 7.99 -8.08 8.71
C SER B 132 7.52 -9.09 9.73
N GLY B 133 8.45 -9.88 10.29
CA GLY B 133 8.15 -10.89 11.30
C GLY B 133 8.20 -12.33 10.82
N THR B 134 8.12 -12.59 9.53
CA THR B 134 8.13 -13.96 9.05
C THR B 134 9.43 -14.30 8.33
N ALA B 135 9.56 -15.59 8.06
CA ALA B 135 10.74 -16.12 7.38
C ALA B 135 10.31 -17.22 6.42
N SER B 136 10.57 -17.05 5.14
CA SER B 136 10.22 -18.05 4.16
C SER B 136 11.51 -18.59 3.56
N VAL B 137 11.61 -19.91 3.41
CA VAL B 137 12.75 -20.56 2.77
C VAL B 137 12.21 -21.17 1.49
N VAL B 138 12.97 -21.07 0.40
CA VAL B 138 12.47 -21.62 -0.87
C VAL B 138 13.44 -22.64 -1.45
N CYS B 139 12.86 -23.77 -1.87
CA CYS B 139 13.62 -24.86 -2.52
C CYS B 139 13.13 -24.90 -3.97
N LEU B 140 14.03 -24.74 -4.93
CA LEU B 140 13.70 -24.72 -6.35
C LEU B 140 14.22 -26.00 -7.04
N LEU B 141 13.33 -26.67 -7.79
CA LEU B 141 13.62 -27.88 -8.56
C LEU B 141 13.44 -27.44 -10.01
N ASN B 142 14.55 -27.20 -10.69
CA ASN B 142 14.50 -26.71 -12.06
C ASN B 142 14.76 -27.76 -13.13
N ASN B 143 13.97 -27.65 -14.20
CA ASN B 143 13.98 -28.42 -15.45
C ASN B 143 14.16 -29.93 -15.28
N PHE B 144 13.14 -30.57 -14.69
CA PHE B 144 13.11 -32.03 -14.53
C PHE B 144 12.01 -32.61 -15.42
N TYR B 145 12.30 -33.71 -16.13
CA TYR B 145 11.18 -34.10 -16.98
C TYR B 145 10.06 -34.87 -16.29
N PRO B 146 10.26 -36.06 -15.73
CA PRO B 146 9.12 -36.74 -15.11
C PRO B 146 8.46 -35.76 -14.14
N ARG B 147 7.15 -35.58 -14.29
CA ARG B 147 6.43 -34.60 -13.47
C ARG B 147 6.54 -34.95 -11.99
N GLU B 148 6.53 -36.23 -11.65
CA GLU B 148 6.59 -36.64 -10.26
C GLU B 148 7.92 -36.26 -9.61
N ALA B 149 7.84 -35.58 -8.47
CA ALA B 149 9.01 -35.15 -7.72
C ALA B 149 8.69 -35.10 -6.24
N LYS B 150 9.71 -35.36 -5.43
CA LYS B 150 9.54 -35.35 -3.96
C LYS B 150 10.42 -34.30 -3.33
N VAL B 151 9.88 -33.53 -2.38
CA VAL B 151 10.60 -32.50 -1.67
C VAL B 151 10.37 -32.69 -0.18
N GLN B 152 11.43 -32.51 0.62
CA GLN B 152 11.31 -32.68 2.07
C GLN B 152 12.08 -31.57 2.79
N TRP B 153 11.37 -30.82 3.64
CA TRP B 153 12.00 -29.76 4.41
C TRP B 153 12.44 -30.33 5.76
N LYS B 154 13.73 -30.17 6.06
CA LYS B 154 14.36 -30.63 7.29
C LYS B 154 14.98 -29.43 7.98
N VAL B 155 14.66 -29.21 9.24
CA VAL B 155 15.23 -28.13 10.02
C VAL B 155 16.08 -28.77 11.10
N ASP B 156 17.39 -28.58 11.02
CA ASP B 156 18.31 -29.19 11.98
C ASP B 156 18.05 -30.69 12.08
N ASN B 157 18.06 -31.34 10.91
CA ASN B 157 17.86 -32.77 10.74
C ASN B 157 16.44 -33.19 11.11
N ALA B 158 15.66 -32.25 11.62
CA ALA B 158 14.28 -32.54 12.02
C ALA B 158 13.37 -32.35 10.81
N LEU B 159 12.67 -33.43 10.46
CA LEU B 159 11.76 -33.40 9.33
C LEU B 159 10.55 -32.56 9.67
N GLN B 160 10.07 -31.78 8.71
CA GLN B 160 8.92 -30.93 8.95
C GLN B 160 7.69 -31.44 8.20
N SER B 161 6.53 -31.06 8.71
CA SER B 161 5.23 -31.42 8.15
C SER B 161 4.35 -30.19 8.37
N GLY B 162 3.83 -29.64 7.29
CA GLY B 162 3.07 -28.42 7.36
C GLY B 162 4.03 -27.27 7.16
N ASN B 163 3.49 -26.06 7.18
CA ASN B 163 4.30 -24.85 6.98
C ASN B 163 4.97 -24.81 5.63
N SER B 164 4.60 -25.77 4.77
CA SER B 164 5.20 -25.84 3.41
C SER B 164 4.09 -25.76 2.37
N GLN B 165 4.38 -25.14 1.24
CA GLN B 165 3.43 -25.04 0.13
C GLN B 165 4.26 -25.12 -1.13
N GLU B 166 3.74 -25.79 -2.17
CA GLU B 166 4.53 -25.88 -3.37
C GLU B 166 3.65 -25.78 -4.60
N SER B 167 4.30 -25.42 -5.71
CA SER B 167 3.65 -25.28 -7.00
C SER B 167 4.51 -25.88 -8.10
N VAL B 168 3.86 -26.40 -9.11
CA VAL B 168 4.57 -27.00 -10.24
C VAL B 168 4.22 -26.18 -11.47
N THR B 169 5.17 -26.06 -12.38
CA THR B 169 4.92 -25.29 -13.58
C THR B 169 4.14 -26.09 -14.60
N GLU B 170 3.58 -25.38 -15.55
CA GLU B 170 2.95 -26.00 -16.69
C GLU B 170 4.12 -26.53 -17.54
N GLN B 171 3.87 -27.56 -18.38
CA GLN B 171 4.97 -28.12 -19.16
C GLN B 171 5.68 -27.07 -20.02
N ASP B 172 7.00 -27.08 -19.98
CA ASP B 172 7.78 -26.10 -20.73
C ASP B 172 7.53 -26.24 -22.23
N SER B 173 7.43 -25.09 -22.91
CA SER B 173 7.19 -25.10 -24.35
C SER B 173 8.48 -25.22 -25.15
N LYS B 174 9.63 -25.21 -24.46
CA LYS B 174 10.96 -25.32 -25.03
C LYS B 174 11.62 -26.65 -24.67
N ASP B 175 11.66 -26.95 -23.37
CA ASP B 175 12.26 -28.18 -22.86
C ASP B 175 11.28 -29.34 -22.87
N SER B 176 10.02 -29.05 -22.56
CA SER B 176 8.95 -30.01 -22.38
C SER B 176 9.11 -30.63 -20.99
N THR B 177 9.87 -29.94 -20.14
CA THR B 177 10.16 -30.36 -18.79
C THR B 177 9.22 -29.69 -17.79
N TYR B 178 9.56 -29.81 -16.51
CA TYR B 178 8.76 -29.26 -15.43
C TYR B 178 9.66 -28.64 -14.37
N SER B 179 9.11 -27.69 -13.61
CA SER B 179 9.85 -27.04 -12.54
C SER B 179 8.94 -26.96 -11.33
N LEU B 180 9.55 -27.15 -10.15
CA LEU B 180 8.86 -27.17 -8.87
C LEU B 180 9.43 -26.09 -7.95
N SER B 181 8.56 -25.51 -7.12
CA SER B 181 8.95 -24.47 -6.17
C SER B 181 8.24 -24.76 -4.85
N SER B 182 9.01 -25.02 -3.78
CA SER B 182 8.45 -25.32 -2.46
C SER B 182 8.96 -24.35 -1.43
N THR B 183 8.05 -23.70 -0.72
CA THR B 183 8.38 -22.72 0.29
C THR B 183 7.97 -23.20 1.67
N LEU B 184 8.90 -23.13 2.60
CA LEU B 184 8.67 -23.49 3.99
C LEU B 184 8.67 -22.18 4.76
N THR B 185 7.53 -21.83 5.36
CA THR B 185 7.36 -20.57 6.07
C THR B 185 7.29 -20.79 7.58
N LEU B 186 8.08 -20.01 8.30
CA LEU B 186 8.16 -20.05 9.75
C LEU B 186 8.10 -18.64 10.31
N SER B 187 7.88 -18.57 11.61
CA SER B 187 7.91 -17.26 12.22
C SER B 187 9.38 -16.86 12.37
N LYS B 188 9.62 -15.57 12.57
CA LYS B 188 10.99 -15.13 12.79
C LYS B 188 11.60 -15.90 13.95
N ALA B 189 10.84 -16.01 15.05
CA ALA B 189 11.29 -16.71 16.25
C ALA B 189 11.64 -18.17 15.95
N ASP B 190 10.73 -18.90 15.30
CA ASP B 190 11.01 -20.27 14.95
C ASP B 190 12.29 -20.35 14.12
N TYR B 191 12.40 -19.45 13.12
CA TYR B 191 13.58 -19.45 12.25
C TYR B 191 14.86 -19.22 13.03
N GLU B 192 14.86 -18.29 13.98
CA GLU B 192 16.10 -18.05 14.71
C GLU B 192 16.42 -19.20 15.65
N LYS B 193 15.40 -19.91 16.16
CA LYS B 193 15.68 -21.01 17.09
C LYS B 193 16.43 -22.19 16.47
N HIS B 194 16.84 -22.14 15.21
CA HIS B 194 17.51 -23.28 14.59
C HIS B 194 18.72 -22.84 13.79
N LYS B 195 19.57 -23.83 13.46
CA LYS B 195 20.83 -23.59 12.77
C LYS B 195 20.83 -23.97 11.29
N VAL B 196 20.57 -25.23 10.95
CA VAL B 196 20.62 -25.71 9.57
C VAL B 196 19.24 -25.88 8.96
N TYR B 197 19.04 -25.28 7.78
CA TYR B 197 17.80 -25.38 7.03
C TYR B 197 18.14 -26.09 5.74
N ALA B 198 17.49 -27.22 5.47
CA ALA B 198 17.81 -27.97 4.27
C ALA B 198 16.55 -28.53 3.65
N CYS B 199 16.65 -28.84 2.36
CA CYS B 199 15.57 -29.48 1.64
C CYS B 199 16.22 -30.60 0.84
N GLU B 200 15.65 -31.80 0.99
CA GLU B 200 16.13 -33.01 0.34
C GLU B 200 15.14 -33.40 -0.76
N VAL B 201 15.65 -33.43 -1.98
CA VAL B 201 14.86 -33.71 -3.16
C VAL B 201 15.17 -35.12 -3.65
N THR B 202 14.10 -35.82 -4.06
CA THR B 202 14.18 -37.16 -4.60
C THR B 202 13.41 -37.15 -5.90
N HIS B 203 14.05 -37.59 -6.98
CA HIS B 203 13.42 -37.65 -8.28
C HIS B 203 13.97 -38.85 -9.01
N GLN B 204 13.26 -39.31 -10.06
CA GLN B 204 13.71 -40.48 -10.79
C GLN B 204 15.07 -40.27 -11.44
N GLY B 205 15.26 -39.11 -12.07
CA GLY B 205 16.53 -38.79 -12.71
C GLY B 205 17.69 -38.65 -11.75
N LEU B 206 17.39 -38.62 -10.44
CA LEU B 206 18.39 -38.51 -9.39
C LEU B 206 18.72 -39.90 -8.89
N SER B 207 19.99 -40.30 -9.02
CA SER B 207 20.37 -41.62 -8.55
C SER B 207 20.15 -41.73 -7.04
N SER B 208 20.47 -40.67 -6.30
CA SER B 208 20.30 -40.67 -4.87
C SER B 208 19.83 -39.29 -4.40
N PRO B 209 18.94 -39.25 -3.39
CA PRO B 209 18.38 -37.95 -2.91
C PRO B 209 19.40 -36.86 -2.66
N VAL B 210 19.25 -35.79 -3.41
CA VAL B 210 20.13 -34.63 -3.34
C VAL B 210 19.62 -33.68 -2.28
N THR B 211 20.49 -33.21 -1.40
CA THR B 211 20.06 -32.30 -0.37
C THR B 211 20.81 -30.98 -0.47
N LYS B 212 20.07 -29.89 -0.47
CA LYS B 212 20.63 -28.54 -0.56
C LYS B 212 20.36 -27.92 0.81
N SER B 213 21.42 -27.45 1.48
CA SER B 213 21.27 -26.92 2.84
C SER B 213 22.08 -25.66 3.07
N PHE B 214 21.80 -25.02 4.22
CA PHE B 214 22.54 -23.82 4.62
C PHE B 214 22.37 -23.59 6.12
N ASN B 215 23.23 -22.74 6.66
CA ASN B 215 23.21 -22.38 8.08
C ASN B 215 22.64 -20.97 8.19
N ARG B 216 21.66 -20.80 9.07
CA ARG B 216 20.99 -19.52 9.24
C ARG B 216 21.93 -18.32 9.14
N GLY B 217 22.97 -18.29 9.98
CA GLY B 217 23.85 -17.14 9.94
C GLY B 217 23.09 -15.83 10.12
N GLU B 218 21.89 -15.94 10.71
CA GLU B 218 21.02 -14.75 10.97
C GLU B 218 20.46 -14.21 9.65
N CYS B 219 19.95 -15.09 8.79
CA CYS B 219 19.35 -14.68 7.50
C CYS B 219 19.02 -15.86 6.59
N GLN C 1 -3.44 14.95 42.86
CA GLN C 1 -2.78 14.68 41.58
C GLN C 1 -1.92 15.86 41.12
N VAL C 2 -0.74 15.55 40.57
CA VAL C 2 0.22 16.56 40.12
C VAL C 2 -0.16 17.09 38.75
N ARG C 3 -0.41 18.39 38.68
CA ARG C 3 -0.82 19.10 37.48
C ARG C 3 0.15 20.26 37.25
N VAL C 4 0.77 20.29 36.07
CA VAL C 4 1.72 21.34 35.68
C VAL C 4 1.00 22.22 34.67
N VAL C 5 0.96 23.53 34.94
CA VAL C 5 0.25 24.46 34.07
C VAL C 5 1.20 25.57 33.60
N GLN C 6 1.05 25.97 32.33
CA GLN C 6 1.92 26.98 31.78
C GLN C 6 1.12 28.13 31.18
N SER C 7 1.81 29.25 31.03
CA SER C 7 1.25 30.47 30.48
C SER C 7 0.67 30.22 29.10
N GLY C 8 -0.16 31.13 28.68
CA GLY C 8 -0.76 31.04 27.36
C GLY C 8 0.24 31.42 26.27
N ALA C 9 -0.19 31.16 25.03
CA ALA C 9 0.65 31.47 23.88
C ALA C 9 0.96 32.95 23.88
N GLU C 10 2.16 33.29 23.40
CA GLU C 10 2.64 34.67 23.40
C GLU C 10 3.24 35.10 22.06
N VAL C 11 3.11 36.40 21.78
CA VAL C 11 3.70 37.04 20.60
C VAL C 11 4.39 38.30 21.10
N LYS C 12 5.69 38.42 20.83
CA LYS C 12 6.46 39.56 21.30
C LYS C 12 7.21 40.24 20.17
N ASN C 13 7.47 41.51 20.35
CA ASN C 13 8.20 42.23 19.33
C ASN C 13 9.69 41.93 19.44
N PRO C 14 10.41 41.96 18.32
CA PRO C 14 11.86 41.71 18.38
C PRO C 14 12.51 42.70 19.32
N GLY C 15 13.45 42.20 20.12
CA GLY C 15 14.16 43.00 21.09
C GLY C 15 13.44 43.12 22.42
N ALA C 16 12.22 42.62 22.50
CA ALA C 16 11.47 42.68 23.75
C ALA C 16 11.75 41.42 24.53
N SER C 17 11.19 41.32 25.74
CA SER C 17 11.39 40.15 26.55
C SER C 17 10.06 39.43 26.75
N VAL C 18 10.15 38.15 27.05
CA VAL C 18 8.98 37.33 27.29
C VAL C 18 9.19 36.57 28.60
N LYS C 19 8.11 36.45 29.35
CA LYS C 19 8.09 35.76 30.61
C LYS C 19 7.06 34.66 30.48
N VAL C 20 7.41 33.47 30.92
CA VAL C 20 6.50 32.33 30.89
C VAL C 20 6.49 31.72 32.28
N SER C 21 5.31 31.28 32.70
CA SER C 21 5.10 30.74 34.03
C SER C 21 4.82 29.25 34.03
N CYS C 22 5.33 28.59 35.07
CA CYS C 22 5.21 27.18 35.33
C CYS C 22 4.60 27.05 36.73
N LYS C 23 3.41 26.50 36.83
CA LYS C 23 2.71 26.30 38.10
C LYS C 23 2.68 24.82 38.42
N VAL C 24 3.08 24.48 39.65
CA VAL C 24 3.11 23.11 40.13
C VAL C 24 1.93 22.92 41.09
N SER C 25 1.09 21.93 40.77
CA SER C 25 -0.09 21.58 41.55
C SER C 25 0.03 20.15 42.03
N GLY C 26 -0.44 19.89 43.25
CA GLY C 26 -0.38 18.58 43.84
C GLY C 26 0.88 18.28 44.63
N TYR C 27 1.93 19.08 44.48
CA TYR C 27 3.16 18.84 45.23
C TYR C 27 3.88 20.17 45.41
N THR C 28 4.31 20.46 46.64
CA THR C 28 5.01 21.71 46.90
C THR C 28 6.33 21.71 46.13
N LEU C 29 6.64 22.82 45.48
CA LEU C 29 7.86 22.98 44.69
C LEU C 29 9.06 23.19 45.60
N THR C 30 9.37 22.16 46.41
CA THR C 30 10.48 22.23 47.34
C THR C 30 11.63 21.32 46.98
N GLU C 31 11.37 20.04 46.70
CA GLU C 31 12.42 19.09 46.30
C GLU C 31 12.35 18.77 44.82
N LEU C 32 11.65 19.61 44.05
CA LEU C 32 11.47 19.41 42.62
C LEU C 32 12.32 20.40 41.84
N SER C 33 13.32 19.85 41.15
CA SER C 33 14.19 20.69 40.30
C SER C 33 13.38 21.13 39.08
N ILE C 34 13.43 22.41 38.74
CA ILE C 34 12.68 22.96 37.62
C ILE C 34 13.63 23.17 36.46
N HIS C 35 13.25 22.67 35.29
CA HIS C 35 14.06 22.81 34.10
C HIS C 35 13.24 23.46 33.00
N TRP C 36 13.90 24.27 32.20
CA TRP C 36 13.27 24.94 31.09
C TRP C 36 13.98 24.43 29.84
N VAL C 37 13.19 23.84 28.94
CA VAL C 37 13.64 23.25 27.69
C VAL C 37 12.85 23.87 26.54
N ARG C 38 13.56 24.34 25.52
CA ARG C 38 12.95 24.95 24.34
C ARG C 38 12.97 24.00 23.17
N GLN C 39 11.88 24.02 22.40
CA GLN C 39 11.73 23.18 21.22
C GLN C 39 11.46 24.05 20.01
N ALA C 40 12.39 24.04 19.06
CA ALA C 40 12.17 24.76 17.82
C ALA C 40 11.14 23.96 17.02
N PRO C 41 10.17 24.61 16.38
CA PRO C 41 9.11 23.87 15.63
C PRO C 41 9.69 22.94 14.58
N GLY C 42 9.37 21.65 14.72
CA GLY C 42 9.89 20.65 13.79
C GLY C 42 11.41 20.57 13.83
N ASN C 43 12.00 20.81 14.99
CA ASN C 43 13.45 20.80 15.15
C ASN C 43 13.77 20.14 16.50
N GLY C 44 15.06 20.12 16.86
CA GLY C 44 15.48 19.50 18.10
C GLY C 44 15.21 20.32 19.34
N LEU C 45 15.28 19.62 20.48
CA LEU C 45 15.06 20.20 21.80
C LEU C 45 16.35 20.78 22.36
N GLU C 46 16.25 21.96 22.96
CA GLU C 46 17.39 22.65 23.55
C GLU C 46 17.15 22.89 25.03
N TRP C 47 18.07 22.42 25.87
CA TRP C 47 17.96 22.61 27.31
C TRP C 47 18.38 24.04 27.66
N MET C 48 17.41 24.90 27.97
CA MET C 48 17.77 26.27 28.34
C MET C 48 18.46 26.32 29.69
N GLY C 49 17.80 25.84 30.75
CA GLY C 49 18.48 25.90 32.04
C GLY C 49 17.76 25.12 33.13
N GLY C 50 18.44 24.99 34.26
CA GLY C 50 17.92 24.22 35.38
C GLY C 50 18.06 24.91 36.73
N PHE C 51 17.30 24.38 37.69
CA PHE C 51 17.27 24.80 39.09
C PHE C 51 17.54 23.57 39.95
N ASP C 52 18.38 23.72 40.96
CA ASP C 52 18.73 22.65 41.89
C ASP C 52 17.68 22.60 43.00
N PRO C 53 17.10 21.44 43.30
CA PRO C 53 16.04 21.41 44.33
C PRO C 53 16.45 22.02 45.67
N GLU C 54 17.57 21.57 46.24
CA GLU C 54 18.06 22.09 47.51
C GLU C 54 19.15 23.14 47.27
N ASP C 55 19.22 24.12 48.17
CA ASP C 55 20.24 25.21 48.08
C ASP C 55 19.77 26.25 47.06
N GLY C 56 19.23 25.82 45.93
CA GLY C 56 18.64 26.79 44.98
C GLY C 56 19.63 27.27 43.93
N GLU C 57 20.61 26.45 43.55
CA GLU C 57 21.51 26.83 42.46
C GLU C 57 20.77 26.77 41.13
N THR C 58 21.01 27.74 40.26
CA THR C 58 20.39 27.77 38.93
C THR C 58 21.48 27.84 37.88
N ILE C 59 21.51 26.86 36.98
CA ILE C 59 22.50 26.82 35.91
C ILE C 59 21.83 27.17 34.59
N TYR C 60 22.43 28.12 33.87
CA TYR C 60 21.94 28.60 32.59
C TYR C 60 22.88 28.12 31.48
N ALA C 61 22.31 27.83 30.31
CA ALA C 61 23.16 27.42 29.19
C ALA C 61 24.11 28.59 28.87
N GLN C 62 25.34 28.27 28.49
CA GLN C 62 26.33 29.32 28.23
C GLN C 62 25.84 30.37 27.24
N LYS C 63 25.11 29.97 26.19
CA LYS C 63 24.69 30.96 25.22
C LYS C 63 23.65 31.95 25.76
N PHE C 64 22.58 31.46 26.36
CA PHE C 64 21.52 32.35 26.83
C PHE C 64 21.73 32.88 28.24
N GLN C 65 22.94 32.77 28.80
CA GLN C 65 23.19 33.20 30.18
C GLN C 65 22.70 34.63 30.45
N GLY C 66 23.13 35.58 29.62
CA GLY C 66 22.69 36.94 29.85
C GLY C 66 21.22 37.16 29.58
N ARG C 67 20.59 36.35 28.73
CA ARG C 67 19.20 36.58 28.35
C ARG C 67 18.16 35.80 29.15
N VAL C 68 18.51 34.80 29.95
CA VAL C 68 17.50 34.08 30.70
C VAL C 68 17.69 34.31 32.18
N THR C 69 16.59 34.55 32.85
CA THR C 69 16.55 34.74 34.28
C THR C 69 15.46 33.81 34.79
N MET C 70 15.80 33.03 35.80
CA MET C 70 14.86 32.09 36.40
C MET C 70 14.61 32.43 37.85
N THR C 71 13.34 32.34 38.22
CA THR C 71 12.96 32.64 39.59
C THR C 71 11.85 31.68 39.98
N GLU C 72 11.68 31.51 41.27
CA GLU C 72 10.63 30.64 41.77
C GLU C 72 9.90 31.42 42.84
N ASP C 73 8.57 31.35 42.82
CA ASP C 73 7.72 32.02 43.77
C ASP C 73 7.11 30.93 44.65
N THR C 74 7.66 30.81 45.86
CA THR C 74 7.18 29.81 46.80
C THR C 74 5.73 30.10 47.21
N SER C 75 5.38 31.38 47.36
CA SER C 75 4.03 31.74 47.74
C SER C 75 3.01 31.21 46.73
N THR C 76 3.25 31.46 45.45
CA THR C 76 2.35 30.98 44.41
C THR C 76 2.67 29.58 43.93
N ASP C 77 3.81 29.00 44.36
CA ASP C 77 4.26 27.68 43.92
C ASP C 77 4.56 27.68 42.43
N THR C 78 4.87 28.84 41.87
CA THR C 78 5.10 28.96 40.43
C THR C 78 6.48 29.50 40.10
N ALA C 79 7.13 28.86 39.14
CA ALA C 79 8.43 29.26 38.64
C ALA C 79 8.19 30.15 37.44
N TYR C 80 9.13 31.04 37.21
CA TYR C 80 9.08 31.98 36.11
C TYR C 80 10.39 31.95 35.36
N MET C 81 10.29 32.03 34.05
CA MET C 81 11.44 32.07 33.17
C MET C 81 11.32 33.33 32.31
N GLU C 82 12.42 34.05 32.15
CA GLU C 82 12.42 35.27 31.35
C GLU C 82 13.54 35.24 30.33
N LEU C 83 13.17 35.40 29.06
CA LEU C 83 14.09 35.44 27.94
C LEU C 83 13.98 36.84 27.35
N SER C 84 15.09 37.55 27.33
CA SER C 84 15.18 38.93 26.85
C SER C 84 15.87 39.00 25.51
N SER C 85 15.85 40.21 24.93
CA SER C 85 16.46 40.45 23.62
C SER C 85 15.94 39.43 22.60
N LEU C 86 14.64 39.19 22.62
CA LEU C 86 14.06 38.22 21.72
C LEU C 86 14.35 38.55 20.25
N ARG C 87 14.70 37.52 19.49
CA ARG C 87 14.97 37.61 18.06
C ARG C 87 14.15 36.52 17.39
N SER C 88 13.84 36.70 16.09
CA SER C 88 13.03 35.72 15.38
C SER C 88 13.53 34.30 15.60
N ASP C 89 14.82 34.14 15.93
CA ASP C 89 15.38 32.83 16.20
C ASP C 89 14.80 32.23 17.48
N ASP C 90 14.14 33.04 18.30
CA ASP C 90 13.58 32.53 19.55
C ASP C 90 12.18 31.96 19.42
N THR C 91 11.50 32.13 18.27
CA THR C 91 10.15 31.62 18.14
C THR C 91 10.14 30.12 18.34
N ALA C 92 9.62 29.67 19.48
CA ALA C 92 9.62 28.25 19.80
C ALA C 92 8.65 27.95 20.93
N VAL C 93 8.47 26.66 21.22
CA VAL C 93 7.59 26.23 22.30
C VAL C 93 8.47 26.03 23.52
N TYR C 94 8.02 26.55 24.67
CA TYR C 94 8.79 26.48 25.89
C TYR C 94 8.15 25.49 26.87
N TYR C 95 8.95 24.60 27.46
CA TYR C 95 8.47 23.60 28.40
C TYR C 95 9.25 23.69 29.70
N CYS C 96 8.60 23.33 30.79
CA CYS C 96 9.26 23.23 32.09
C CYS C 96 9.10 21.78 32.53
N ALA C 97 10.17 21.20 33.07
CA ALA C 97 10.19 19.81 33.51
C ALA C 97 10.51 19.72 34.98
N THR C 98 9.67 19.02 35.74
CA THR C 98 9.86 18.79 37.16
C THR C 98 10.70 17.53 37.22
N ALA C 99 12.02 17.71 37.21
CA ALA C 99 12.98 16.60 37.30
C ALA C 99 13.58 16.53 38.70
N GLY C 100 12.67 16.43 39.69
CA GLY C 100 13.09 16.36 41.10
C GLY C 100 12.03 15.71 41.95
N ALA C 101 12.44 15.12 43.08
CA ALA C 101 11.50 14.43 44.01
C ALA C 101 10.76 13.31 43.27
N ILE C 102 9.44 13.22 43.46
CA ILE C 102 8.65 12.12 42.81
C ILE C 102 7.38 12.70 42.17
N THR C 103 7.03 12.24 40.96
CA THR C 103 5.76 12.67 40.34
C THR C 103 4.60 12.19 41.21
N GLY C 104 4.71 10.95 41.72
CA GLY C 104 3.67 10.37 42.58
C GLY C 104 2.37 10.12 41.84
N THR C 105 1.76 11.16 41.26
CA THR C 105 0.47 11.05 40.60
C THR C 105 0.58 10.78 39.10
N PRO C 106 -0.39 10.04 38.56
CA PRO C 106 -0.41 9.69 37.13
C PRO C 106 -0.70 10.85 36.19
N ARG C 107 -0.26 10.66 34.94
CA ARG C 107 -0.45 11.60 33.82
C ARG C 107 -0.17 10.74 32.59
N ASN C 108 -1.21 10.41 31.82
CA ASN C 108 -1.11 9.51 30.67
C ASN C 108 -0.73 8.19 31.36
N PHE C 109 0.39 7.54 30.99
CA PHE C 109 0.81 6.35 31.71
C PHE C 109 1.20 6.83 33.12
N TYR C 110 0.69 6.16 34.16
CA TYR C 110 0.94 6.60 35.52
C TYR C 110 2.44 6.67 35.83
N TYR C 111 2.94 7.88 36.16
CA TYR C 111 4.36 8.02 36.49
C TYR C 111 4.68 7.32 37.81
N TYR C 112 3.78 7.43 38.78
CA TYR C 112 3.89 6.80 40.09
C TYR C 112 5.20 7.13 40.81
N TYR C 113 6.03 6.12 41.12
CA TYR C 113 7.32 6.33 41.81
C TYR C 113 8.26 7.31 41.11
N GLY C 114 8.05 7.56 39.82
CA GLY C 114 8.91 8.46 39.05
C GLY C 114 9.04 9.87 39.61
N MET C 115 10.02 10.57 39.05
CA MET C 115 10.39 11.94 39.41
C MET C 115 10.04 13.01 38.38
N ASP C 116 10.29 12.76 37.10
CA ASP C 116 10.07 13.73 36.03
C ASP C 116 8.63 13.89 35.53
N VAL C 117 8.21 15.14 35.32
CA VAL C 117 6.91 15.50 34.75
C VAL C 117 7.16 16.69 33.81
N TRP C 118 6.34 16.82 32.76
CA TRP C 118 6.51 17.90 31.79
C TRP C 118 5.28 18.75 31.58
N GLY C 119 5.49 20.05 31.36
CA GLY C 119 4.44 21.02 31.11
C GLY C 119 3.81 20.91 29.74
N GLN C 120 2.68 21.58 29.58
CA GLN C 120 1.95 21.55 28.30
C GLN C 120 2.70 22.23 27.16
N GLY C 121 3.47 23.26 27.45
CA GLY C 121 4.18 23.94 26.38
C GLY C 121 3.54 25.29 26.13
N THR C 122 4.39 26.28 25.83
CA THR C 122 3.93 27.63 25.55
C THR C 122 4.58 28.10 24.26
N THR C 123 3.74 28.32 23.25
CA THR C 123 4.21 28.76 21.95
C THR C 123 4.49 30.25 21.99
N VAL C 124 5.73 30.65 21.69
CA VAL C 124 6.11 32.05 21.68
C VAL C 124 6.65 32.41 20.32
N THR C 125 6.04 33.43 19.72
CA THR C 125 6.38 33.94 18.40
C THR C 125 6.93 35.35 18.53
N VAL C 126 8.13 35.59 18.03
CA VAL C 126 8.75 36.90 18.05
C VAL C 126 8.55 37.46 16.64
N SER C 127 7.77 38.53 16.50
CA SER C 127 7.53 39.09 15.18
C SER C 127 6.96 40.51 15.27
N SER C 128 7.36 41.36 14.30
CA SER C 128 6.85 42.73 14.28
C SER C 128 5.42 42.81 13.75
N ALA C 129 4.97 41.79 13.02
CA ALA C 129 3.62 41.80 12.47
C ALA C 129 2.57 41.92 13.57
N SER C 130 1.40 42.40 13.17
CA SER C 130 0.30 42.55 14.11
C SER C 130 -0.49 41.26 14.17
N THR C 131 -0.94 40.91 15.36
CA THR C 131 -1.72 39.70 15.52
C THR C 131 -3.10 39.91 14.87
N LYS C 132 -3.67 38.82 14.35
CA LYS C 132 -4.98 38.87 13.72
C LYS C 132 -5.81 37.72 14.24
N GLY C 133 -7.03 38.02 14.66
CA GLY C 133 -7.91 37.00 15.16
C GLY C 133 -8.43 36.14 14.03
N PRO C 134 -8.76 34.89 14.34
CA PRO C 134 -9.29 34.00 13.31
C PRO C 134 -10.78 34.21 13.06
N SER C 135 -11.19 33.87 11.86
CA SER C 135 -12.59 33.93 11.45
C SER C 135 -13.05 32.48 11.36
N VAL C 136 -14.08 32.11 12.13
CA VAL C 136 -14.56 30.73 12.16
C VAL C 136 -15.84 30.56 11.36
N PHE C 137 -15.81 29.68 10.38
CA PHE C 137 -16.98 29.39 9.58
C PHE C 137 -17.31 27.91 9.74
N PRO C 138 -18.56 27.53 9.53
CA PRO C 138 -18.89 26.10 9.64
C PRO C 138 -18.62 25.35 8.35
N LEU C 139 -18.33 24.06 8.56
CA LEU C 139 -18.18 23.10 7.43
C LEU C 139 -19.40 22.20 7.64
N ALA C 140 -20.56 22.64 7.16
CA ALA C 140 -21.86 22.02 7.40
C ALA C 140 -21.94 20.62 6.80
N PRO C 141 -22.54 19.67 7.52
CA PRO C 141 -22.69 18.32 6.96
C PRO C 141 -23.78 18.34 5.91
N SER C 142 -23.67 17.43 4.95
CA SER C 142 -24.65 17.36 3.88
C SER C 142 -24.67 15.96 3.30
N SER C 143 -25.45 15.82 2.23
CA SER C 143 -25.46 14.56 1.52
C SER C 143 -24.11 14.37 0.85
N LYS C 144 -23.45 15.49 0.56
CA LYS C 144 -22.11 15.52 -0.01
C LYS C 144 -21.05 15.34 1.07
N SER C 145 -21.45 15.34 2.35
CA SER C 145 -20.60 15.12 3.51
C SER C 145 -20.88 13.79 4.18
N THR C 146 -21.75 12.95 3.62
CA THR C 146 -22.10 11.67 4.23
C THR C 146 -21.71 10.47 3.38
N SER C 147 -21.25 9.41 4.06
CA SER C 147 -20.89 8.16 3.40
C SER C 147 -21.17 6.97 4.31
N GLY C 148 -21.94 6.01 3.81
CA GLY C 148 -22.23 4.77 4.55
C GLY C 148 -22.68 4.92 5.99
N GLY C 149 -23.60 5.83 6.25
CA GLY C 149 -24.10 6.03 7.59
C GLY C 149 -23.33 7.02 8.44
N THR C 150 -22.20 7.53 7.97
CA THR C 150 -21.43 8.50 8.73
C THR C 150 -21.46 9.84 8.02
N ALA C 151 -21.62 10.91 8.79
CA ALA C 151 -21.61 12.27 8.24
C ALA C 151 -20.37 12.98 8.77
N ALA C 152 -19.88 13.95 8.00
CA ALA C 152 -18.68 14.70 8.37
C ALA C 152 -19.00 16.19 8.47
N LEU C 153 -18.60 16.80 9.59
CA LEU C 153 -18.83 18.25 9.79
C LEU C 153 -17.53 18.87 10.30
N GLY C 154 -17.49 20.19 10.45
CA GLY C 154 -16.25 20.81 10.90
C GLY C 154 -16.32 22.33 11.00
N CYS C 155 -15.14 22.93 11.17
CA CYS C 155 -14.93 24.36 11.33
C CYS C 155 -13.69 24.83 10.59
N LEU C 156 -13.80 25.98 9.94
CA LEU C 156 -12.72 26.57 9.17
C LEU C 156 -12.23 27.79 9.93
N VAL C 157 -10.97 27.74 10.39
CA VAL C 157 -10.33 28.81 11.14
C VAL C 157 -9.47 29.57 10.13
N LYS C 158 -9.95 30.68 9.60
CA LYS C 158 -9.22 31.41 8.57
C LYS C 158 -8.59 32.72 9.02
N ASP C 159 -7.44 33.00 8.40
CA ASP C 159 -6.65 34.23 8.50
C ASP C 159 -6.36 34.69 9.93
N TYR C 160 -5.50 33.95 10.63
CA TYR C 160 -5.05 34.35 11.96
C TYR C 160 -3.52 34.44 11.89
N PHE C 161 -2.89 35.44 12.61
CA PHE C 161 -1.43 35.40 12.41
C PHE C 161 -0.53 34.69 13.42
N PRO C 162 -0.53 34.97 14.72
CA PRO C 162 0.40 34.24 15.58
C PRO C 162 -0.05 32.78 15.61
N GLU C 163 0.83 31.90 15.17
CA GLU C 163 0.57 30.48 14.95
C GLU C 163 -0.33 29.72 15.89
N PRO C 164 -0.15 29.71 17.20
CA PRO C 164 -0.97 28.83 18.03
C PRO C 164 -2.48 29.08 18.15
N VAL C 165 -3.27 28.17 17.58
CA VAL C 165 -4.76 28.25 17.70
C VAL C 165 -5.24 26.84 18.09
N THR C 166 -6.07 26.73 19.13
CA THR C 166 -6.51 25.43 19.60
C THR C 166 -8.00 25.27 19.33
N VAL C 167 -8.41 24.06 18.95
CA VAL C 167 -9.81 23.79 18.66
C VAL C 167 -10.26 22.57 19.47
N SER C 168 -11.39 22.71 20.13
CA SER C 168 -11.97 21.60 20.87
C SER C 168 -13.38 21.47 20.38
N TRP C 169 -14.03 20.34 20.68
CA TRP C 169 -15.39 20.10 20.23
C TRP C 169 -16.32 19.82 21.40
N ASN C 170 -17.49 20.46 21.39
CA ASN C 170 -18.47 20.31 22.44
C ASN C 170 -17.77 20.41 23.79
N SER C 171 -17.04 21.53 23.92
CA SER C 171 -16.27 21.91 25.12
C SER C 171 -15.33 20.82 25.61
N GLY C 172 -14.80 20.00 24.71
CA GLY C 172 -13.89 18.93 25.03
C GLY C 172 -14.55 17.57 25.20
N ALA C 173 -15.87 17.52 25.32
CA ALA C 173 -16.57 16.24 25.44
C ALA C 173 -16.47 15.41 24.18
N LEU C 174 -16.23 16.04 23.04
CA LEU C 174 -16.16 15.33 21.78
C LEU C 174 -14.73 15.32 21.31
N THR C 175 -14.16 14.13 21.26
CA THR C 175 -12.80 13.94 20.78
C THR C 175 -12.69 12.75 19.84
N SER C 176 -13.60 11.78 19.90
CA SER C 176 -13.48 10.63 19.02
C SER C 176 -13.78 11.02 17.57
N GLY C 177 -12.93 10.56 16.66
CA GLY C 177 -13.11 10.83 15.24
C GLY C 177 -12.86 12.26 14.83
N VAL C 178 -12.19 13.03 15.69
CA VAL C 178 -11.87 14.43 15.44
C VAL C 178 -10.48 14.52 14.83
N HIS C 179 -10.35 15.34 13.78
CA HIS C 179 -9.10 15.57 13.08
C HIS C 179 -8.87 17.06 12.96
N THR C 180 -7.92 17.60 13.75
CA THR C 180 -7.58 19.03 13.67
C THR C 180 -6.27 19.10 12.91
N PHE C 181 -6.37 19.58 11.69
CA PHE C 181 -5.27 19.65 10.76
C PHE C 181 -4.23 20.73 11.04
N PRO C 182 -3.02 20.49 10.56
CA PRO C 182 -1.98 21.50 10.63
C PRO C 182 -2.42 22.71 9.83
N ALA C 183 -1.95 23.88 10.25
CA ALA C 183 -2.29 25.11 9.56
C ALA C 183 -1.51 25.24 8.26
N VAL C 184 -2.11 25.98 7.33
CA VAL C 184 -1.51 26.30 6.05
C VAL C 184 -1.16 27.78 6.09
N LEU C 185 -0.22 28.18 5.25
CA LEU C 185 0.20 29.57 5.19
C LEU C 185 -0.27 30.20 3.89
N GLN C 186 -1.20 31.13 3.99
CA GLN C 186 -1.69 31.84 2.80
C GLN C 186 -0.60 32.79 2.34
N SER C 187 -0.63 33.15 1.04
CA SER C 187 0.37 34.10 0.54
C SER C 187 0.34 35.40 1.36
N SER C 188 -0.84 35.72 1.90
CA SER C 188 -1.06 36.88 2.74
C SER C 188 -0.19 36.88 4.00
N GLY C 189 0.51 35.80 4.29
CA GLY C 189 1.30 35.74 5.49
C GLY C 189 0.51 35.29 6.69
N LEU C 190 -0.79 35.05 6.52
CA LEU C 190 -1.71 34.60 7.54
C LEU C 190 -1.97 33.10 7.45
N TYR C 191 -2.20 32.49 8.60
CA TYR C 191 -2.48 31.07 8.72
C TYR C 191 -3.98 30.79 8.66
N SER C 192 -4.31 29.58 8.20
CA SER C 192 -5.66 29.06 8.11
C SER C 192 -5.57 27.61 8.55
N LEU C 193 -6.67 27.13 9.15
CA LEU C 193 -6.65 25.76 9.71
C LEU C 193 -8.03 25.16 9.53
N SER C 194 -8.12 23.85 9.65
CA SER C 194 -9.39 23.17 9.53
C SER C 194 -9.51 22.12 10.62
N SER C 195 -10.73 21.95 11.16
CA SER C 195 -11.00 20.97 12.21
C SER C 195 -12.29 20.24 11.84
N VAL C 196 -12.23 18.92 11.76
CA VAL C 196 -13.42 18.17 11.36
C VAL C 196 -13.68 17.00 12.30
N VAL C 197 -14.87 16.46 12.18
CA VAL C 197 -15.29 15.33 12.99
C VAL C 197 -16.34 14.56 12.22
N THR C 198 -16.25 13.24 12.33
CA THR C 198 -17.17 12.30 11.72
C THR C 198 -18.08 11.83 12.86
N VAL C 199 -19.39 11.88 12.61
CA VAL C 199 -20.37 11.49 13.64
C VAL C 199 -21.45 10.65 12.99
N PRO C 200 -22.26 9.94 13.79
CA PRO C 200 -23.32 9.13 13.21
C PRO C 200 -24.23 10.01 12.39
N SER C 201 -24.51 9.58 11.16
CA SER C 201 -25.35 10.40 10.32
C SER C 201 -26.75 10.52 10.89
N SER C 202 -27.26 9.44 11.50
CA SER C 202 -28.60 9.45 12.09
C SER C 202 -28.73 10.48 13.19
N SER C 203 -27.65 10.74 13.92
CA SER C 203 -27.67 11.67 15.04
C SER C 203 -27.79 13.14 14.66
N LEU C 204 -27.45 13.52 13.43
CA LEU C 204 -27.47 14.94 13.02
C LEU C 204 -28.69 15.73 13.50
N GLY C 205 -29.85 15.09 13.66
CA GLY C 205 -31.01 15.83 14.12
C GLY C 205 -31.09 16.10 15.61
N THR C 206 -30.69 15.13 16.45
CA THR C 206 -30.79 15.28 17.91
C THR C 206 -29.53 15.82 18.59
N GLN C 207 -28.34 15.57 18.04
CA GLN C 207 -27.11 16.05 18.69
C GLN C 207 -26.72 17.44 18.22
N THR C 208 -26.04 18.18 19.09
CA THR C 208 -25.58 19.51 18.73
C THR C 208 -24.06 19.50 18.77
N TYR C 209 -23.43 19.92 17.68
CA TYR C 209 -21.99 19.93 17.61
C TYR C 209 -21.52 21.37 17.55
N ILE C 210 -20.70 21.77 18.51
CA ILE C 210 -20.18 23.12 18.60
C ILE C 210 -18.66 23.04 18.64
N CYS C 211 -18.00 23.83 17.81
CA CYS C 211 -16.54 23.85 17.82
C CYS C 211 -16.10 25.09 18.58
N ASN C 212 -15.12 24.86 19.47
CA ASN C 212 -14.58 25.95 20.32
C ASN C 212 -13.17 26.29 19.84
N VAL C 213 -12.99 27.49 19.29
CA VAL C 213 -11.74 27.97 18.73
C VAL C 213 -11.19 29.02 19.67
N ASN C 214 -9.98 28.76 20.19
CA ASN C 214 -9.30 29.71 21.10
C ASN C 214 -8.01 30.19 20.45
N HIS C 215 -7.80 31.50 20.41
CA HIS C 215 -6.59 32.13 19.88
C HIS C 215 -6.18 33.15 20.93
N LYS C 216 -5.32 32.74 21.87
CA LYS C 216 -4.92 33.65 22.94
C LYS C 216 -4.17 34.88 22.44
N PRO C 217 -3.18 34.77 21.55
CA PRO C 217 -2.48 35.99 21.10
C PRO C 217 -3.44 37.04 20.59
N SER C 218 -4.47 36.61 19.85
CA SER C 218 -5.48 37.54 19.36
C SER C 218 -6.49 37.88 20.44
N ASN C 219 -6.50 37.10 21.53
CA ASN C 219 -7.44 37.31 22.62
C ASN C 219 -8.87 37.06 22.10
N THR C 220 -9.04 35.97 21.36
CA THR C 220 -10.35 35.64 20.80
C THR C 220 -10.82 34.24 21.19
N LYS C 221 -12.09 34.15 21.59
CA LYS C 221 -12.69 32.82 21.92
C LYS C 221 -14.02 32.72 21.16
N VAL C 222 -14.11 31.81 20.20
CA VAL C 222 -15.29 31.67 19.36
C VAL C 222 -15.88 30.27 19.49
N ASP C 223 -17.20 30.20 19.60
CA ASP C 223 -17.94 28.94 19.69
C ASP C 223 -18.95 28.97 18.55
N LYS C 224 -18.73 28.16 17.53
CA LYS C 224 -19.63 28.14 16.38
C LYS C 224 -20.40 26.82 16.35
N LYS C 225 -21.73 26.92 16.34
CA LYS C 225 -22.60 25.74 16.29
C LYS C 225 -22.73 25.34 14.82
N VAL C 226 -22.26 24.13 14.47
CA VAL C 226 -22.31 23.66 13.09
C VAL C 226 -23.58 22.86 12.89
N GLU C 227 -24.47 23.35 12.02
CA GLU C 227 -25.73 22.68 11.79
C GLU C 227 -25.85 22.24 10.34
N PRO C 228 -26.58 21.16 10.10
CA PRO C 228 -26.74 20.66 8.72
C PRO C 228 -27.43 21.67 7.79
N LYS C 229 -26.97 21.73 6.56
CA LYS C 229 -27.56 22.60 5.55
C LYS C 229 -26.73 22.43 4.29
N ASP D 1 30.43 20.64 24.01
CA ASP D 1 29.09 20.19 24.37
C ASP D 1 28.84 18.83 23.74
N ILE D 2 28.31 17.90 24.54
CA ILE D 2 28.01 16.55 24.07
C ILE D 2 27.10 16.62 22.84
N VAL D 3 27.37 15.77 21.85
CA VAL D 3 26.57 15.75 20.61
C VAL D 3 25.84 14.42 20.52
N MET D 4 24.51 14.44 20.62
CA MET D 4 23.68 13.24 20.54
C MET D 4 23.19 13.07 19.12
N THR D 5 23.59 11.99 18.47
CA THR D 5 23.20 11.72 17.09
C THR D 5 22.40 10.44 17.04
N GLN D 6 21.15 10.53 16.62
CA GLN D 6 20.33 9.33 16.50
C GLN D 6 20.53 8.76 15.10
N THR D 7 20.80 7.47 15.02
CA THR D 7 21.10 6.82 13.76
C THR D 7 19.95 6.45 12.84
N PRO D 8 18.83 5.87 13.32
CA PRO D 8 17.78 5.51 12.37
C PRO D 8 17.14 6.71 11.66
N LEU D 9 16.59 7.64 12.46
CA LEU D 9 15.97 8.91 11.94
C LEU D 9 14.59 8.65 11.35
N SER D 10 14.24 7.39 11.09
CA SER D 10 12.98 6.98 10.49
C SER D 10 12.96 5.45 10.43
N SER D 11 11.81 4.85 10.76
CA SER D 11 11.68 3.39 10.72
C SER D 11 10.21 3.01 10.45
N PRO D 12 9.88 2.65 9.18
CA PRO D 12 8.49 2.18 8.91
C PRO D 12 8.43 0.75 9.37
N VAL D 13 7.77 0.53 10.52
CA VAL D 13 7.73 -0.79 11.15
C VAL D 13 6.37 -1.48 11.05
N THR D 14 6.46 -2.81 10.90
CA THR D 14 5.30 -3.69 10.82
C THR D 14 4.64 -3.78 12.18
N LEU D 15 3.31 -3.82 12.19
CA LEU D 15 2.60 -3.88 13.46
C LEU D 15 2.96 -5.14 14.25
N GLY D 16 2.92 -4.99 15.58
CA GLY D 16 3.23 -6.08 16.49
C GLY D 16 4.65 -6.62 16.40
N GLN D 17 5.56 -5.89 15.68
CA GLN D 17 6.94 -6.27 15.49
C GLN D 17 7.88 -5.35 16.28
N PRO D 18 9.07 -5.83 16.62
CA PRO D 18 10.00 -4.98 17.38
C PRO D 18 10.63 -3.92 16.49
N ALA D 19 11.02 -2.82 17.13
CA ALA D 19 11.68 -1.71 16.47
C ALA D 19 12.83 -1.23 17.35
N SER D 20 13.92 -0.83 16.69
CA SER D 20 15.14 -0.39 17.42
C SER D 20 15.60 1.00 16.95
N ILE D 21 15.92 1.88 17.90
CA ILE D 21 16.41 3.22 17.63
C ILE D 21 17.79 3.32 18.28
N SER D 22 18.76 3.89 17.57
CA SER D 22 20.13 3.96 18.07
C SER D 22 20.63 5.40 18.23
N CYS D 23 21.32 5.64 19.34
CA CYS D 23 21.91 6.94 19.70
C CYS D 23 23.42 6.79 19.86
N ARG D 24 24.18 7.77 19.36
CA ARG D 24 25.63 7.76 19.46
C ARG D 24 26.10 9.09 20.05
N SER D 25 27.18 9.02 20.83
CA SER D 25 27.72 10.18 21.53
C SER D 25 29.15 10.50 21.12
N SER D 26 29.43 11.77 20.85
CA SER D 26 30.81 12.19 20.51
C SER D 26 31.75 11.84 21.67
N GLN D 27 31.24 11.89 22.89
CA GLN D 27 32.00 11.61 24.08
C GLN D 27 31.38 10.39 24.78
N SER D 28 31.93 10.02 25.92
CA SER D 28 31.43 8.90 26.71
C SER D 28 30.62 9.48 27.86
N LEU D 29 29.43 8.92 28.09
CA LEU D 29 28.54 9.42 29.14
C LEU D 29 28.87 8.84 30.53
N VAL D 30 29.93 8.07 30.66
CA VAL D 30 30.31 7.48 31.95
C VAL D 30 30.72 8.60 32.91
N HIS D 31 30.04 8.67 34.06
CA HIS D 31 30.36 9.72 35.07
C HIS D 31 31.48 9.24 35.99
N SER D 32 32.07 10.15 36.76
CA SER D 32 33.12 9.81 37.73
C SER D 32 32.59 8.79 38.71
N ASP D 33 31.28 8.83 38.97
CA ASP D 33 30.59 7.92 39.87
C ASP D 33 30.44 6.54 39.26
N GLY D 34 30.84 6.34 38.01
CA GLY D 34 30.61 5.06 37.41
C GLY D 34 29.15 4.91 37.06
N ASN D 35 28.47 6.06 36.93
CA ASN D 35 27.03 6.08 36.61
C ASN D 35 26.83 6.88 35.32
N THR D 36 26.14 6.31 34.34
CA THR D 36 25.91 6.99 33.06
C THR D 36 24.42 7.32 32.98
N TYR D 37 24.12 8.58 32.70
CA TYR D 37 22.74 9.05 32.66
C TYR D 37 22.28 9.38 31.24
N LEU D 38 21.71 8.38 30.56
CA LEU D 38 21.16 8.55 29.22
C LEU D 38 19.70 8.16 29.28
N SER D 39 18.81 9.13 29.11
CA SER D 39 17.38 8.94 29.13
C SER D 39 16.78 8.89 27.72
N TRP D 40 15.66 8.18 27.60
CA TRP D 40 14.92 8.03 26.37
C TRP D 40 13.51 8.56 26.60
N LEU D 41 13.07 9.47 25.71
CA LEU D 41 11.75 10.10 25.77
C LEU D 41 10.93 9.87 24.50
N GLN D 42 9.61 9.90 24.67
CA GLN D 42 8.67 9.74 23.57
C GLN D 42 7.75 10.95 23.53
N GLN D 43 7.68 11.61 22.37
CA GLN D 43 6.85 12.79 22.15
C GLN D 43 5.78 12.39 21.15
N ARG D 44 4.53 12.34 21.62
CA ARG D 44 3.40 11.96 20.79
C ARG D 44 2.94 13.17 19.97
N PRO D 45 2.10 12.96 18.95
CA PRO D 45 1.64 14.08 18.09
C PRO D 45 1.12 15.32 18.82
N GLY D 46 1.86 16.42 18.72
CA GLY D 46 1.46 17.66 19.37
C GLY D 46 1.26 17.48 20.86
N GLN D 47 2.14 16.71 21.50
CA GLN D 47 2.07 16.41 22.91
C GLN D 47 3.43 16.68 23.53
N PRO D 48 3.47 17.00 24.83
CA PRO D 48 4.76 17.18 25.47
C PRO D 48 5.46 15.83 25.52
N PRO D 49 6.78 15.81 25.63
CA PRO D 49 7.47 14.53 25.69
C PRO D 49 7.29 13.88 27.06
N ARG D 50 7.32 12.55 27.07
CA ARG D 50 7.21 11.75 28.29
C ARG D 50 8.46 10.90 28.38
N LEU D 51 9.12 10.91 29.54
CA LEU D 51 10.34 10.13 29.71
C LEU D 51 10.01 8.67 29.91
N LEU D 52 10.69 7.83 29.16
CA LEU D 52 10.52 6.40 29.18
C LEU D 52 11.59 5.67 29.96
N ILE D 53 12.85 6.04 29.77
CA ILE D 53 13.98 5.38 30.41
C ILE D 53 14.93 6.43 30.96
N TYR D 54 15.34 6.31 32.22
CA TYR D 54 16.28 7.31 32.74
C TYR D 54 17.72 6.80 32.71
N LYS D 55 18.03 5.76 33.44
CA LYS D 55 19.39 5.23 33.34
C LYS D 55 19.29 4.25 32.17
N ILE D 56 20.36 4.18 31.37
CA ILE D 56 20.38 3.38 30.14
C ILE D 56 19.60 2.09 30.26
N SER D 57 19.71 1.38 31.38
CA SER D 57 18.93 0.17 31.58
C SER D 57 17.59 0.49 32.22
N ASN D 58 17.64 1.38 33.21
CA ASN D 58 16.48 1.76 34.00
C ASN D 58 15.32 2.25 33.17
N ARG D 59 14.13 1.77 33.51
CA ARG D 59 12.87 2.09 32.87
C ARG D 59 12.00 2.84 33.86
N PHE D 60 11.81 4.14 33.60
CA PHE D 60 11.00 5.03 34.43
C PHE D 60 9.72 4.35 34.88
N SER D 61 9.32 4.60 36.13
CA SER D 61 8.13 3.96 36.67
C SER D 61 6.90 4.32 35.83
N GLY D 62 6.06 3.33 35.59
CA GLY D 62 4.85 3.51 34.81
C GLY D 62 5.02 3.43 33.31
N VAL D 63 6.15 2.93 32.83
CA VAL D 63 6.39 2.80 31.40
C VAL D 63 6.10 1.35 31.05
N PRO D 64 5.49 1.05 29.89
CA PRO D 64 5.20 -0.35 29.55
C PRO D 64 6.45 -1.20 29.48
N ASP D 65 6.27 -2.50 29.73
CA ASP D 65 7.39 -3.41 29.69
C ASP D 65 7.98 -3.54 28.29
N ARG D 66 7.17 -3.30 27.26
CA ARG D 66 7.64 -3.42 25.87
C ARG D 66 8.86 -2.57 25.58
N PHE D 67 9.00 -1.43 26.24
CA PHE D 67 10.14 -0.56 26.04
C PHE D 67 11.34 -1.11 26.82
N SER D 68 12.52 -1.03 26.21
CA SER D 68 13.74 -1.50 26.85
C SER D 68 14.90 -0.66 26.35
N GLY D 69 15.93 -0.56 27.17
CA GLY D 69 17.11 0.23 26.81
C GLY D 69 18.39 -0.56 27.03
N SER D 70 19.29 -0.46 26.06
CA SER D 70 20.55 -1.20 26.14
C SER D 70 21.67 -0.41 25.46
N GLY D 71 22.70 -0.08 26.23
CA GLY D 71 23.81 0.68 25.70
C GLY D 71 25.14 0.16 26.20
N ALA D 72 26.17 0.52 25.48
CA ALA D 72 27.55 0.15 25.78
C ALA D 72 28.44 1.30 25.35
N GLY D 73 29.16 1.88 26.30
CA GLY D 73 30.05 3.00 25.99
C GLY D 73 29.30 4.17 25.38
N THR D 74 29.75 4.58 24.20
CA THR D 74 29.16 5.71 23.49
C THR D 74 27.93 5.34 22.68
N ASP D 75 27.57 4.07 22.60
CA ASP D 75 26.40 3.65 21.81
C ASP D 75 25.24 3.27 22.72
N PHE D 76 24.02 3.62 22.30
CA PHE D 76 22.82 3.34 23.08
C PHE D 76 21.70 2.92 22.13
N THR D 77 20.76 2.11 22.64
CA THR D 77 19.65 1.62 21.83
C THR D 77 18.35 1.54 22.64
N LEU D 78 17.26 1.94 21.99
CA LEU D 78 15.91 1.88 22.53
C LEU D 78 15.17 0.82 21.71
N LYS D 79 14.72 -0.25 22.37
CA LYS D 79 14.04 -1.34 21.70
C LYS D 79 12.61 -1.48 22.15
N ILE D 80 11.69 -1.53 21.21
CA ILE D 80 10.27 -1.73 21.46
C ILE D 80 9.96 -3.16 21.07
N SER D 81 9.66 -3.99 22.09
CA SER D 81 9.37 -5.41 21.91
C SER D 81 8.29 -5.63 20.85
N ARG D 82 7.12 -5.05 21.09
CA ARG D 82 5.97 -5.14 20.18
C ARG D 82 5.47 -3.72 19.94
N VAL D 83 5.46 -3.31 18.70
CA VAL D 83 5.00 -1.97 18.35
C VAL D 83 3.48 -2.00 18.19
N GLU D 84 2.82 -0.97 18.72
CA GLU D 84 1.38 -0.82 18.67
C GLU D 84 1.06 0.57 18.14
N ALA D 85 -0.11 0.72 17.53
CA ALA D 85 -0.51 2.00 16.96
C ALA D 85 -0.25 3.17 17.90
N GLU D 86 -0.39 2.95 19.21
CA GLU D 86 -0.20 3.96 20.24
C GLU D 86 1.26 4.33 20.44
N ASP D 87 2.18 3.78 19.65
CA ASP D 87 3.60 4.07 19.76
C ASP D 87 4.12 5.06 18.72
N VAL D 88 3.28 5.50 17.77
CA VAL D 88 3.76 6.44 16.76
C VAL D 88 4.16 7.75 17.43
N GLY D 89 5.10 8.45 16.83
CA GLY D 89 5.55 9.72 17.36
C GLY D 89 7.04 9.86 17.10
N VAL D 90 7.72 10.57 18.00
CA VAL D 90 9.16 10.72 17.85
C VAL D 90 9.83 10.33 19.16
N TYR D 91 10.99 9.67 19.06
CA TYR D 91 11.75 9.23 20.22
C TYR D 91 13.08 9.97 20.26
N TYR D 92 13.45 10.45 21.44
CA TYR D 92 14.70 11.19 21.62
C TYR D 92 15.57 10.59 22.72
N CYS D 93 16.88 10.78 22.56
CA CYS D 93 17.87 10.36 23.54
C CYS D 93 18.45 11.64 24.11
N MET D 94 18.32 11.82 25.41
CA MET D 94 18.81 12.98 26.15
C MET D 94 19.87 12.50 27.11
N GLN D 95 20.87 13.35 27.40
CA GLN D 95 21.91 13.05 28.36
C GLN D 95 21.77 13.96 29.56
N VAL D 96 22.16 13.45 30.74
CA VAL D 96 22.11 14.23 31.97
C VAL D 96 23.45 13.94 32.64
N THR D 97 24.49 13.71 31.83
CA THR D 97 25.82 13.43 32.38
C THR D 97 26.63 14.70 32.61
N GLN D 98 26.50 15.65 31.69
CA GLN D 98 27.26 16.92 31.79
C GLN D 98 26.42 18.07 31.25
N PHE D 99 26.48 19.23 31.90
CA PHE D 99 25.77 20.39 31.38
C PHE D 99 26.58 20.94 30.20
N PRO D 100 25.92 21.54 29.21
CA PRO D 100 24.48 21.75 29.10
C PRO D 100 23.85 20.43 28.75
N TYR D 101 22.59 20.21 29.09
CA TYR D 101 21.96 18.95 28.72
C TYR D 101 21.74 18.95 27.21
N THR D 102 21.99 17.81 26.57
CA THR D 102 21.82 17.73 25.12
C THR D 102 20.93 16.56 24.74
N PHE D 103 20.11 16.79 23.70
CA PHE D 103 19.17 15.84 23.13
C PHE D 103 19.63 15.39 21.76
N GLY D 104 18.99 14.31 21.27
CA GLY D 104 19.23 13.80 19.94
C GLY D 104 18.23 14.44 19.00
N GLN D 105 18.49 14.40 17.69
CA GLN D 105 17.53 15.04 16.79
C GLN D 105 16.18 14.35 16.79
N GLY D 106 16.09 13.12 17.27
CA GLY D 106 14.82 12.43 17.30
C GLY D 106 14.71 11.42 16.17
N THR D 107 13.77 10.49 16.33
CA THR D 107 13.53 9.46 15.33
C THR D 107 12.03 9.26 15.25
N LYS D 108 11.47 9.45 14.06
CA LYS D 108 10.04 9.33 13.84
C LYS D 108 9.67 7.87 13.60
N LEU D 109 8.75 7.36 14.43
CA LEU D 109 8.31 5.94 14.30
C LEU D 109 7.07 5.89 13.41
N GLU D 110 7.21 5.31 12.22
CA GLU D 110 6.11 5.16 11.29
C GLU D 110 5.50 3.76 11.48
N ILE D 111 4.28 3.58 11.00
CA ILE D 111 3.60 2.30 11.22
C ILE D 111 3.13 1.67 9.90
N LYS D 112 3.63 0.47 9.61
CA LYS D 112 3.20 -0.26 8.43
C LYS D 112 1.79 -0.77 8.70
N ARG D 113 0.89 -0.50 7.77
CA ARG D 113 -0.51 -0.82 7.96
C ARG D 113 -1.10 -1.21 6.62
N THR D 114 -2.24 -1.88 6.66
CA THR D 114 -2.87 -2.26 5.41
C THR D 114 -3.40 -1.01 4.67
N VAL D 115 -3.55 -1.12 3.35
CA VAL D 115 -4.05 -0.04 2.51
C VAL D 115 -5.50 0.32 2.86
N ALA D 116 -5.80 1.61 2.90
CA ALA D 116 -7.17 2.04 3.21
C ALA D 116 -7.56 3.19 2.28
N ALA D 117 -8.61 2.99 1.48
CA ALA D 117 -9.07 4.04 0.56
C ALA D 117 -9.70 5.20 1.33
N PRO D 118 -9.41 6.44 0.95
CA PRO D 118 -9.96 7.58 1.70
C PRO D 118 -11.46 7.75 1.53
N SER D 119 -12.04 8.54 2.44
CA SER D 119 -13.43 8.94 2.39
C SER D 119 -13.39 10.39 1.93
N VAL D 120 -14.12 10.73 0.86
CA VAL D 120 -14.10 12.09 0.34
C VAL D 120 -15.37 12.83 0.73
N PHE D 121 -15.22 14.06 1.20
CA PHE D 121 -16.32 14.89 1.63
C PHE D 121 -16.11 16.29 1.10
N ILE D 122 -17.14 16.89 0.55
CA ILE D 122 -16.99 18.23 0.00
C ILE D 122 -17.85 19.20 0.81
N PHE D 123 -17.41 20.43 0.88
CA PHE D 123 -18.15 21.42 1.65
C PHE D 123 -18.17 22.76 0.95
N PRO D 124 -19.35 23.27 0.60
CA PRO D 124 -19.44 24.58 -0.05
C PRO D 124 -19.19 25.68 0.96
N PRO D 125 -18.92 26.90 0.51
CA PRO D 125 -18.67 27.99 1.45
C PRO D 125 -19.93 28.35 2.21
N SER D 126 -19.72 28.96 3.36
CA SER D 126 -20.78 29.44 4.24
C SER D 126 -21.25 30.82 3.80
N ASP D 127 -22.54 31.10 4.00
CA ASP D 127 -23.07 32.42 3.63
C ASP D 127 -22.36 33.50 4.42
N GLU D 128 -21.99 33.19 5.68
CA GLU D 128 -21.27 34.15 6.50
C GLU D 128 -19.97 34.56 5.82
N GLN D 129 -19.18 33.56 5.38
CA GLN D 129 -17.94 33.88 4.68
C GLN D 129 -18.24 34.64 3.40
N LEU D 130 -19.39 34.33 2.75
CA LEU D 130 -19.75 35.02 1.53
C LEU D 130 -19.94 36.52 1.78
N LYS D 131 -20.54 36.89 2.92
CA LYS D 131 -20.71 38.32 3.19
C LYS D 131 -19.36 39.03 3.23
N SER D 132 -18.30 38.33 3.68
CA SER D 132 -16.98 38.94 3.75
C SER D 132 -16.32 39.12 2.38
N GLY D 133 -16.90 38.58 1.32
CA GLY D 133 -16.31 38.70 0.00
C GLY D 133 -15.52 37.49 -0.47
N THR D 134 -15.32 36.47 0.36
CA THR D 134 -14.56 35.30 -0.05
C THR D 134 -15.43 34.04 0.05
N ALA D 135 -14.94 32.99 -0.63
CA ALA D 135 -15.59 31.70 -0.66
C ALA D 135 -14.48 30.65 -0.56
N SER D 136 -14.61 29.71 0.36
CA SER D 136 -13.60 28.68 0.51
C SER D 136 -14.30 27.33 0.49
N VAL D 137 -14.02 26.54 -0.54
CA VAL D 137 -14.56 25.20 -0.70
C VAL D 137 -13.58 24.25 -0.03
N VAL D 138 -14.07 23.24 0.69
CA VAL D 138 -13.15 22.33 1.35
C VAL D 138 -13.45 20.89 0.93
N CYS D 139 -12.39 20.16 0.62
CA CYS D 139 -12.41 18.75 0.24
C CYS D 139 -11.69 17.99 1.34
N LEU D 140 -12.29 16.90 1.80
CA LEU D 140 -11.75 16.15 2.92
C LEU D 140 -11.57 14.68 2.58
N LEU D 141 -10.32 14.21 2.65
CA LEU D 141 -9.97 12.81 2.43
C LEU D 141 -9.72 12.29 3.85
N ASN D 142 -10.58 11.39 4.31
CA ASN D 142 -10.52 10.89 5.67
C ASN D 142 -10.16 9.41 5.76
N ASN D 143 -9.15 9.12 6.58
CA ASN D 143 -8.64 7.79 6.96
C ASN D 143 -8.19 6.89 5.80
N PHE D 144 -7.12 7.33 5.13
CA PHE D 144 -6.50 6.58 4.04
C PHE D 144 -5.12 6.11 4.51
N TYR D 145 -4.65 4.91 4.03
CA TYR D 145 -3.33 4.58 4.61
C TYR D 145 -2.10 5.17 3.95
N PRO D 146 -1.68 4.79 2.74
CA PRO D 146 -0.46 5.40 2.22
C PRO D 146 -0.70 6.90 2.27
N ARG D 147 0.30 7.63 2.80
CA ARG D 147 0.19 9.08 2.95
C ARG D 147 -0.06 9.76 1.61
N GLU D 148 0.44 9.14 0.53
CA GLU D 148 0.29 9.67 -0.81
C GLU D 148 -1.19 9.76 -1.23
N ALA D 149 -1.58 10.92 -1.75
CA ALA D 149 -2.95 11.19 -2.18
C ALA D 149 -2.90 12.33 -3.18
N LYS D 150 -3.74 12.27 -4.21
CA LYS D 150 -3.77 13.32 -5.23
C LYS D 150 -5.17 13.95 -5.23
N VAL D 151 -5.21 15.27 -5.03
CA VAL D 151 -6.43 16.06 -4.98
C VAL D 151 -6.43 17.04 -6.14
N GLN D 152 -7.52 17.09 -6.90
CA GLN D 152 -7.64 17.99 -8.04
C GLN D 152 -8.94 18.77 -7.95
N TRP D 153 -8.85 20.09 -8.12
CA TRP D 153 -10.01 20.97 -8.05
C TRP D 153 -10.45 21.36 -9.46
N LYS D 154 -11.73 21.10 -9.78
CA LYS D 154 -12.30 21.43 -11.07
C LYS D 154 -13.53 22.29 -10.81
N VAL D 155 -13.49 23.53 -11.27
CA VAL D 155 -14.60 24.46 -11.17
C VAL D 155 -15.23 24.51 -12.55
N ASP D 156 -16.49 24.07 -12.64
CA ASP D 156 -17.18 24.03 -13.93
C ASP D 156 -16.34 23.23 -14.92
N ASN D 157 -15.80 22.10 -14.44
CA ASN D 157 -15.00 21.15 -15.21
C ASN D 157 -13.60 21.63 -15.56
N ALA D 158 -13.31 22.90 -15.28
CA ALA D 158 -11.99 23.44 -15.58
C ALA D 158 -11.01 23.10 -14.46
N LEU D 159 -9.87 22.53 -14.83
CA LEU D 159 -8.88 22.16 -13.84
C LEU D 159 -8.27 23.43 -13.25
N GLN D 160 -8.20 23.49 -11.92
CA GLN D 160 -7.66 24.67 -11.25
C GLN D 160 -6.16 24.51 -11.02
N SER D 161 -5.49 25.67 -10.90
CA SER D 161 -4.04 25.75 -10.64
C SER D 161 -3.82 26.98 -9.73
N GLY D 162 -3.81 26.76 -8.42
CA GLY D 162 -3.69 27.84 -7.46
C GLY D 162 -4.95 27.94 -6.60
N ASN D 163 -4.89 28.85 -5.63
CA ASN D 163 -5.99 29.07 -4.69
C ASN D 163 -6.24 27.89 -3.77
N SER D 164 -5.45 26.83 -3.89
CA SER D 164 -5.65 25.67 -3.06
C SER D 164 -4.48 25.47 -2.09
N GLN D 165 -4.82 24.96 -0.91
CA GLN D 165 -3.84 24.68 0.14
C GLN D 165 -4.21 23.32 0.74
N GLU D 166 -3.20 22.55 1.10
CA GLU D 166 -3.37 21.23 1.64
C GLU D 166 -2.62 21.07 2.96
N SER D 167 -3.19 20.24 3.81
CA SER D 167 -2.64 19.90 5.11
C SER D 167 -2.88 18.42 5.34
N VAL D 168 -1.84 17.69 5.70
CA VAL D 168 -1.95 16.27 5.99
C VAL D 168 -1.70 16.10 7.48
N THR D 169 -2.46 15.22 8.11
CA THR D 169 -2.36 14.95 9.54
C THR D 169 -1.14 14.10 9.87
N GLU D 170 -0.93 13.93 11.15
CA GLU D 170 0.12 13.09 11.69
C GLU D 170 -0.52 11.73 11.91
N GLN D 171 0.24 10.65 11.67
CA GLN D 171 -0.29 9.26 11.78
C GLN D 171 -1.27 9.17 12.94
N ASP D 172 -2.45 8.64 12.66
CA ASP D 172 -3.54 8.51 13.63
C ASP D 172 -3.26 8.06 15.07
N SER D 173 -2.37 7.09 15.30
CA SER D 173 -2.04 6.55 16.63
C SER D 173 -3.14 5.62 17.17
N LYS D 174 -4.32 5.54 16.55
CA LYS D 174 -5.37 4.61 16.95
C LYS D 174 -5.73 3.73 15.77
N ASP D 175 -6.02 4.36 14.66
CA ASP D 175 -6.40 3.85 13.35
C ASP D 175 -5.21 3.72 12.41
N SER D 176 -4.11 4.41 12.76
CA SER D 176 -2.84 4.45 12.04
C SER D 176 -2.94 4.98 10.61
N THR D 177 -4.01 5.67 10.24
CA THR D 177 -4.09 6.22 8.90
C THR D 177 -3.71 7.68 8.88
N TYR D 178 -3.92 8.28 7.73
CA TYR D 178 -3.64 9.68 7.49
C TYR D 178 -4.93 10.33 7.03
N SER D 179 -4.99 11.64 7.25
CA SER D 179 -6.17 12.42 6.80
C SER D 179 -5.66 13.66 6.05
N LEU D 180 -6.37 14.06 5.01
CA LEU D 180 -6.01 15.18 4.17
C LEU D 180 -7.14 16.20 4.10
N SER D 181 -6.79 17.49 4.21
CA SER D 181 -7.76 18.57 4.12
C SER D 181 -7.24 19.52 3.06
N SER D 182 -8.10 19.88 2.10
CA SER D 182 -7.69 20.78 1.03
C SER D 182 -8.73 21.86 0.84
N THR D 183 -8.26 23.10 0.81
CA THR D 183 -9.15 24.25 0.65
C THR D 183 -8.83 24.99 -0.63
N LEU D 184 -9.87 25.21 -1.43
CA LEU D 184 -9.83 25.99 -2.64
C LEU D 184 -10.54 27.29 -2.30
N THR D 185 -9.87 28.44 -2.45
CA THR D 185 -10.45 29.73 -2.09
C THR D 185 -10.58 30.63 -3.29
N LEU D 186 -11.74 31.23 -3.44
CA LEU D 186 -12.02 32.13 -4.54
C LEU D 186 -12.74 33.38 -4.04
N SER D 187 -12.90 34.33 -4.94
CA SER D 187 -13.63 35.52 -4.59
C SER D 187 -15.10 35.18 -4.67
N LYS D 188 -15.93 35.98 -3.99
CA LYS D 188 -17.37 35.73 -4.06
C LYS D 188 -17.87 35.92 -5.48
N ALA D 189 -17.20 36.82 -6.25
CA ALA D 189 -17.57 37.10 -7.64
C ALA D 189 -17.29 35.89 -8.53
N ASP D 190 -16.03 35.47 -8.60
CA ASP D 190 -15.71 34.29 -9.40
C ASP D 190 -16.61 33.13 -8.96
N TYR D 191 -16.78 32.97 -7.64
CA TYR D 191 -17.64 31.90 -7.12
C TYR D 191 -19.05 32.06 -7.67
N GLU D 192 -19.48 33.29 -7.97
CA GLU D 192 -20.81 33.46 -8.54
C GLU D 192 -20.79 33.23 -10.05
N LYS D 193 -19.60 33.20 -10.65
CA LYS D 193 -19.52 33.04 -12.12
C LYS D 193 -19.57 31.55 -12.50
N HIS D 194 -19.50 30.63 -11.54
CA HIS D 194 -19.47 29.22 -11.90
C HIS D 194 -20.48 28.45 -11.06
N LYS D 195 -21.06 27.41 -11.67
CA LYS D 195 -22.12 26.59 -11.09
C LYS D 195 -21.67 25.32 -10.38
N VAL D 196 -20.80 24.51 -11.00
CA VAL D 196 -20.38 23.23 -10.43
C VAL D 196 -18.97 23.29 -9.88
N TYR D 197 -18.81 22.88 -8.62
CA TYR D 197 -17.51 22.85 -7.94
C TYR D 197 -17.24 21.41 -7.54
N ALA D 198 -16.04 20.91 -7.85
CA ALA D 198 -15.79 19.53 -7.51
C ALA D 198 -14.33 19.27 -7.19
N CYS D 199 -14.09 18.18 -6.45
CA CYS D 199 -12.74 17.73 -6.15
C CYS D 199 -12.64 16.24 -6.53
N GLU D 200 -11.60 15.91 -7.28
CA GLU D 200 -11.33 14.56 -7.75
C GLU D 200 -10.13 14.03 -6.98
N VAL D 201 -10.33 12.89 -6.33
CA VAL D 201 -9.35 12.25 -5.49
C VAL D 201 -8.87 10.95 -6.12
N THR D 202 -7.56 10.75 -6.11
CA THR D 202 -6.96 9.54 -6.61
C THR D 202 -6.03 9.07 -5.51
N HIS D 203 -6.20 7.81 -5.10
CA HIS D 203 -5.41 7.22 -4.04
C HIS D 203 -5.23 5.74 -4.39
N GLN D 204 -4.20 5.13 -3.81
CA GLN D 204 -3.94 3.74 -4.15
C GLN D 204 -5.10 2.82 -3.79
N GLY D 205 -5.84 3.17 -2.75
CA GLY D 205 -6.95 2.37 -2.31
C GLY D 205 -8.21 2.53 -3.13
N LEU D 206 -8.20 3.42 -4.11
CA LEU D 206 -9.35 3.67 -4.97
C LEU D 206 -9.15 2.98 -6.29
N SER D 207 -10.11 2.12 -6.68
CA SER D 207 -9.98 1.46 -7.97
C SER D 207 -10.00 2.50 -9.09
N SER D 208 -10.72 3.60 -8.89
CA SER D 208 -10.80 4.66 -9.88
C SER D 208 -10.90 5.98 -9.15
N PRO D 209 -10.55 7.09 -9.81
CA PRO D 209 -10.65 8.40 -9.15
C PRO D 209 -12.07 8.70 -8.72
N VAL D 210 -12.20 9.16 -7.49
CA VAL D 210 -13.48 9.49 -6.89
C VAL D 210 -13.68 10.99 -6.98
N THR D 211 -14.81 11.41 -7.52
CA THR D 211 -15.11 12.83 -7.65
C THR D 211 -16.33 13.21 -6.82
N LYS D 212 -16.16 14.16 -5.92
CA LYS D 212 -17.27 14.70 -5.11
C LYS D 212 -17.56 16.08 -5.70
N SER D 213 -18.84 16.43 -5.86
CA SER D 213 -19.16 17.73 -6.43
C SER D 213 -20.45 18.28 -5.88
N PHE D 214 -20.68 19.56 -6.18
CA PHE D 214 -21.89 20.25 -5.77
C PHE D 214 -22.18 21.41 -6.74
N ASN D 215 -23.39 21.96 -6.64
CA ASN D 215 -23.77 23.14 -7.47
C ASN D 215 -23.76 24.38 -6.57
N ARG D 216 -23.58 25.57 -7.14
CA ARG D 216 -23.38 26.79 -6.30
C ARG D 216 -24.60 27.08 -5.43
N GLY D 217 -25.82 26.89 -5.94
CA GLY D 217 -27.00 27.24 -5.13
C GLY D 217 -27.04 26.41 -3.87
N GLU D 218 -26.73 25.11 -3.98
CA GLU D 218 -26.68 24.22 -2.79
C GLU D 218 -27.62 24.76 -1.70
#